data_3V99
#
_entry.id   3V99
#
_cell.length_a   51.755
_cell.length_b   200.844
_cell.length_c   72.184
_cell.angle_alpha   90.00
_cell.angle_beta   105.65
_cell.angle_gamma   90.00
#
_symmetry.space_group_name_H-M   'P 1 21 1'
#
loop_
_entity.id
_entity.type
_entity.pdbx_description
1 polymer 'Arachidonate 5-lipoxygenase'
2 non-polymer 'FE (II) ION'
3 non-polymer 'ARACHIDONIC ACID'
4 water water
#
_entity_poly.entity_id   1
_entity_poly.type   'polypeptide(L)'
_entity_poly.pdbx_seq_one_letter_code
;MGSSHHHHHHSSGLVPRGSHMPSYTVTVATGSQEHAGTDDYIYLSLVGSAGCSEKHLLDKGSFERGAVDSYDVTVDEELG
EIQLVRIEKRKYGSNDDWYLKYITLKTPHGDYIEFPCYRWITGDVEVVLRDGRAKLARDDQIHILKQHRRKELETRQKQY
RWMEWNPGFPLSIDAKCHKDLPRDIQFDSEKGVDFVLNYSKAMENLFINRFMHMFQSSWNDFADFEKIFVKISNTISERV
MNHWQEDLMFGYQFLNGANPVLIRRCTELPEKLPVTTEMVECSLERQLSLEQEVQQGNIFIVDFELLDGIDANKTDPCTL
QFLAAPICLLYKNLANKIVPIAIQLNQIPGDENPIFLPSDAKYDWLLAKIWVRSSDFHVHQTITHLLRTHLVSEVFGIAM
YRQLPAVHPIFKLLVAHVRFTIAINTKAREQLICECGLFDKANATGGGGHVQMVQRAMKDLTYASLCFPEAIKARGMESK
EDIPYYFYRDDGLLVWEAIRTFTAEVVDIYYEGDQVVEEDPELQDFVNDVYVYGMRGRKSSGFPKSVKSREQLSEYLTVV
IFTASAQHAAVNFGQYDWASWIPNAPPTMRAPPPTAKGVVTIEQIVDTLPDRGRSCWHLGAVWALSQFQENELFLGMYPE
EHFIEKPVKEAMARFRKNLEAIVSVIAERNENLQLPYYYLDPDRIPNSVAI
;
_entity_poly.pdbx_strand_id   A,B
#
# COMPACT_ATOMS: atom_id res chain seq x y z
N SER A 23 61.78 -23.71 -10.81
CA SER A 23 60.84 -24.67 -10.25
C SER A 23 59.77 -23.98 -9.39
N TYR A 24 58.52 -24.10 -9.82
CA TYR A 24 57.40 -23.52 -9.07
C TYR A 24 56.86 -24.49 -8.03
N THR A 25 56.58 -23.97 -6.84
CA THR A 25 55.94 -24.77 -5.80
C THR A 25 54.47 -24.37 -5.70
N VAL A 26 53.59 -25.31 -6.04
CA VAL A 26 52.17 -25.03 -6.08
C VAL A 26 51.43 -25.68 -4.92
N THR A 27 50.70 -24.88 -4.15
CA THR A 27 49.94 -25.39 -3.02
C THR A 27 48.44 -25.23 -3.23
N VAL A 28 47.71 -26.33 -3.08
CA VAL A 28 46.27 -26.34 -3.29
C VAL A 28 45.56 -26.82 -2.03
N ALA A 29 44.72 -25.96 -1.45
CA ALA A 29 44.01 -26.30 -0.21
C ALA A 29 42.54 -26.66 -0.47
N THR A 30 42.14 -27.82 0.01
CA THR A 30 40.78 -28.29 -0.17
C THR A 30 39.92 -27.95 1.04
N GLY A 31 38.64 -27.68 0.80
CA GLY A 31 37.74 -27.29 1.87
C GLY A 31 37.53 -28.40 2.87
N SER A 32 36.93 -28.05 4.01
CA SER A 32 36.67 -29.05 5.05
C SER A 32 35.18 -29.39 5.18
N GLN A 33 34.38 -28.97 4.19
CA GLN A 33 32.98 -29.39 4.16
C GLN A 33 32.92 -30.88 3.90
N GLU A 34 31.80 -31.51 4.22
CA GLU A 34 31.71 -32.97 4.08
C GLU A 34 32.10 -33.45 2.68
N HIS A 35 31.67 -32.74 1.65
CA HIS A 35 31.90 -33.17 0.28
C HIS A 35 32.95 -32.34 -0.44
N ALA A 36 33.77 -31.62 0.32
CA ALA A 36 34.81 -30.78 -0.25
C ALA A 36 35.75 -31.59 -1.15
N GLY A 37 36.02 -32.83 -0.74
CA GLY A 37 36.96 -33.67 -1.46
C GLY A 37 36.48 -34.16 -2.81
N THR A 38 37.43 -34.42 -3.70
CA THR A 38 37.12 -34.94 -5.04
C THR A 38 38.12 -36.01 -5.48
N ASP A 39 37.69 -36.87 -6.39
CA ASP A 39 38.58 -37.90 -6.95
C ASP A 39 38.91 -37.64 -8.42
N ASP A 40 38.28 -36.61 -8.99
CA ASP A 40 38.45 -36.30 -10.41
C ASP A 40 39.86 -35.82 -10.75
N TYR A 41 40.10 -35.61 -12.04
CA TYR A 41 41.40 -35.16 -12.52
C TYR A 41 41.51 -33.65 -12.41
N ILE A 42 42.63 -33.16 -11.88
CA ILE A 42 42.84 -31.72 -11.73
C ILE A 42 44.00 -31.22 -12.57
N TYR A 43 43.69 -30.35 -13.52
CA TYR A 43 44.71 -29.73 -14.36
C TYR A 43 44.97 -28.30 -13.94
N LEU A 44 46.23 -27.90 -13.96
CA LEU A 44 46.61 -26.56 -13.55
C LEU A 44 47.61 -25.94 -14.50
N SER A 45 47.38 -24.70 -14.88
CA SER A 45 48.31 -23.97 -15.73
C SER A 45 48.39 -22.53 -15.24
N LEU A 46 49.55 -21.91 -15.48
CA LEU A 46 49.77 -20.54 -15.03
C LEU A 46 49.73 -19.60 -16.22
N VAL A 47 49.23 -18.40 -15.99
CA VAL A 47 49.18 -17.37 -17.04
C VAL A 47 49.99 -16.17 -16.61
N GLY A 48 51.09 -15.93 -17.32
CA GLY A 48 51.94 -14.78 -17.04
C GLY A 48 51.82 -13.73 -18.11
N SER A 49 52.56 -12.64 -17.94
CA SER A 49 52.53 -11.55 -18.91
C SER A 49 53.26 -11.92 -20.19
N ALA A 50 54.26 -12.79 -20.08
CA ALA A 50 55.07 -13.17 -21.23
C ALA A 50 54.61 -14.46 -21.88
N GLY A 51 53.55 -15.05 -21.35
CA GLY A 51 53.01 -16.29 -21.90
C GLY A 51 52.41 -17.18 -20.83
N CYS A 52 51.96 -18.36 -21.25
CA CYS A 52 51.32 -19.30 -20.35
C CYS A 52 52.13 -20.59 -20.26
N SER A 53 52.06 -21.25 -19.12
CA SER A 53 52.63 -22.58 -19.00
C SER A 53 51.63 -23.55 -19.63
N GLU A 54 52.01 -24.81 -19.73
CA GLU A 54 51.11 -25.83 -20.25
C GLU A 54 50.27 -26.40 -19.13
N LYS A 55 49.28 -27.23 -19.49
CA LYS A 55 48.40 -27.82 -18.50
C LYS A 55 49.06 -28.98 -17.78
N HIS A 56 49.36 -28.79 -16.49
CA HIS A 56 49.96 -29.84 -15.68
C HIS A 56 48.89 -30.58 -14.90
N LEU A 57 48.84 -31.90 -15.11
CA LEU A 57 47.95 -32.75 -14.35
C LEU A 57 48.50 -32.96 -12.94
N LEU A 58 47.73 -32.55 -11.94
CA LEU A 58 48.03 -32.87 -10.56
C LEU A 58 47.52 -34.27 -10.26
N ASP A 59 48.35 -35.27 -10.52
CA ASP A 59 47.89 -36.66 -10.48
C ASP A 59 48.14 -37.39 -9.17
N LYS A 60 49.20 -37.02 -8.46
CA LYS A 60 49.57 -37.69 -7.22
C LYS A 60 48.42 -37.69 -6.20
N GLY A 61 47.98 -38.89 -5.81
CA GLY A 61 46.90 -39.04 -4.84
C GLY A 61 45.61 -38.39 -5.29
N SER A 62 44.71 -38.15 -4.34
CA SER A 62 43.47 -37.42 -4.62
C SER A 62 43.27 -36.29 -3.60
N PHE A 63 42.25 -35.46 -3.86
CA PHE A 63 42.05 -34.24 -3.08
C PHE A 63 41.03 -34.40 -1.95
N GLU A 64 41.52 -34.77 -0.77
CA GLU A 64 40.64 -35.07 0.35
C GLU A 64 40.25 -33.86 1.18
N ARG A 65 39.06 -33.94 1.75
CA ARG A 65 38.52 -32.91 2.64
C ARG A 65 39.53 -32.48 3.69
N GLY A 66 39.77 -31.17 3.78
CA GLY A 66 40.68 -30.62 4.77
C GLY A 66 42.15 -30.70 4.37
N ALA A 67 42.43 -31.37 3.26
CA ALA A 67 43.80 -31.62 2.86
C ALA A 67 44.45 -30.44 2.15
N VAL A 68 45.77 -30.34 2.31
CA VAL A 68 46.57 -29.40 1.55
C VAL A 68 47.54 -30.21 0.72
N ASP A 69 47.61 -29.91 -0.58
CA ASP A 69 48.48 -30.64 -1.49
C ASP A 69 49.49 -29.71 -2.16
N SER A 70 50.76 -30.07 -2.07
CA SER A 70 51.83 -29.29 -2.69
C SER A 70 52.49 -30.04 -3.83
N TYR A 71 52.90 -29.31 -4.86
CA TYR A 71 53.53 -29.89 -6.04
C TYR A 71 54.73 -29.07 -6.50
N ASP A 72 55.74 -29.75 -7.03
CA ASP A 72 56.86 -29.08 -7.68
C ASP A 72 56.62 -29.09 -9.18
N VAL A 73 56.51 -27.91 -9.77
CA VAL A 73 56.19 -27.79 -11.19
C VAL A 73 57.26 -27.04 -11.95
N THR A 74 57.99 -27.75 -12.80
CA THR A 74 58.99 -27.11 -13.65
C THR A 74 58.31 -26.57 -14.90
N VAL A 75 58.50 -25.28 -15.18
CA VAL A 75 57.87 -24.64 -16.32
C VAL A 75 58.84 -24.46 -17.49
N ASP A 76 58.33 -24.63 -18.70
CA ASP A 76 59.14 -24.53 -19.91
C ASP A 76 59.75 -23.14 -20.11
N GLU A 77 58.89 -22.16 -20.36
CA GLU A 77 59.35 -20.82 -20.71
C GLU A 77 59.18 -19.83 -19.57
N GLU A 78 59.93 -18.73 -19.65
CA GLU A 78 59.74 -17.61 -18.74
C GLU A 78 58.33 -17.09 -18.91
N LEU A 79 57.57 -17.03 -17.81
CA LEU A 79 56.18 -16.63 -17.88
C LEU A 79 55.99 -15.14 -17.63
N GLY A 80 57.04 -14.48 -17.17
CA GLY A 80 56.93 -13.10 -16.73
C GLY A 80 56.24 -13.11 -15.37
N GLU A 81 55.65 -12.00 -14.97
CA GLU A 81 54.92 -11.97 -13.72
C GLU A 81 53.59 -12.70 -13.88
N ILE A 82 53.31 -13.60 -12.95
CA ILE A 82 52.08 -14.38 -12.97
C ILE A 82 50.86 -13.48 -12.80
N GLN A 83 49.87 -13.67 -13.66
CA GLN A 83 48.65 -12.85 -13.61
C GLN A 83 47.46 -13.69 -13.16
N LEU A 84 47.37 -14.91 -13.69
CA LEU A 84 46.21 -15.76 -13.47
C LEU A 84 46.60 -17.21 -13.23
N VAL A 85 45.69 -17.94 -12.59
CA VAL A 85 45.84 -19.38 -12.45
C VAL A 85 44.62 -20.06 -13.03
N ARG A 86 44.83 -21.01 -13.92
CA ARG A 86 43.72 -21.74 -14.52
C ARG A 86 43.59 -23.11 -13.88
N ILE A 87 42.42 -23.37 -13.28
CA ILE A 87 42.13 -24.68 -12.74
C ILE A 87 41.09 -25.37 -13.62
N GLU A 88 41.34 -26.62 -13.96
CA GLU A 88 40.38 -27.39 -14.73
C GLU A 88 40.11 -28.74 -14.07
N LYS A 89 38.84 -29.04 -13.85
CA LYS A 89 38.46 -30.32 -13.28
C LYS A 89 37.90 -31.23 -14.37
N ARG A 90 38.66 -32.27 -14.71
CA ARG A 90 38.22 -33.24 -15.71
C ARG A 90 37.47 -34.37 -15.01
N LYS A 91 36.24 -34.62 -15.44
CA LYS A 91 35.45 -35.70 -14.89
C LYS A 91 36.20 -37.01 -14.91
N TYR A 92 36.34 -37.63 -13.74
CA TYR A 92 36.90 -38.97 -13.62
C TYR A 92 35.85 -39.86 -12.97
N GLY A 93 35.17 -40.65 -13.80
CA GLY A 93 34.02 -41.39 -13.34
C GLY A 93 32.84 -40.45 -13.19
N SER A 94 32.12 -40.58 -12.07
CA SER A 94 31.02 -39.66 -11.79
C SER A 94 31.55 -38.32 -11.28
N ASN A 95 30.73 -37.28 -11.42
CA ASN A 95 31.11 -35.95 -10.97
C ASN A 95 31.25 -35.90 -9.45
N ASP A 96 32.41 -35.47 -8.98
CA ASP A 96 32.64 -35.30 -7.56
C ASP A 96 33.00 -33.84 -7.29
N ASP A 97 32.03 -33.06 -6.83
CA ASP A 97 32.25 -31.66 -6.56
C ASP A 97 33.46 -31.44 -5.65
N TRP A 98 34.22 -30.40 -5.93
CA TRP A 98 35.47 -30.13 -5.21
C TRP A 98 35.47 -28.69 -4.73
N TYR A 99 35.53 -28.50 -3.42
CA TYR A 99 35.60 -27.15 -2.87
C TYR A 99 37.05 -26.68 -2.73
N LEU A 100 37.43 -25.71 -3.55
CA LEU A 100 38.78 -25.18 -3.54
C LEU A 100 38.86 -23.91 -2.71
N LYS A 101 39.60 -23.97 -1.61
CA LYS A 101 39.77 -22.81 -0.75
C LYS A 101 40.67 -21.77 -1.42
N TYR A 102 41.90 -22.16 -1.70
CA TYR A 102 42.86 -21.25 -2.31
C TYR A 102 44.02 -21.99 -2.97
N ILE A 103 44.80 -21.26 -3.75
CA ILE A 103 46.02 -21.78 -4.35
C ILE A 103 47.15 -20.79 -4.09
N THR A 104 48.33 -21.31 -3.73
CA THR A 104 49.49 -20.44 -3.51
C THR A 104 50.63 -20.81 -4.45
N LEU A 105 51.49 -19.84 -4.72
CA LEU A 105 52.63 -20.05 -5.60
C LEU A 105 53.94 -19.62 -4.94
N LYS A 106 54.94 -20.50 -5.00
CA LYS A 106 56.31 -20.12 -4.70
C LYS A 106 57.10 -20.20 -6.00
N THR A 107 57.48 -19.05 -6.53
CA THR A 107 58.19 -19.00 -7.80
C THR A 107 59.69 -19.19 -7.61
N PRO A 108 60.39 -19.57 -8.68
CA PRO A 108 61.85 -19.72 -8.63
C PRO A 108 62.52 -18.41 -8.25
N HIS A 109 61.85 -17.29 -8.51
CA HIS A 109 62.36 -15.98 -8.15
C HIS A 109 62.11 -15.65 -6.68
N GLY A 110 61.47 -16.57 -5.97
CA GLY A 110 61.24 -16.42 -4.55
C GLY A 110 59.99 -15.64 -4.18
N ASP A 111 59.18 -15.32 -5.18
CA ASP A 111 57.92 -14.60 -4.95
C ASP A 111 56.85 -15.54 -4.41
N TYR A 112 56.12 -15.08 -3.39
CA TYR A 112 55.02 -15.85 -2.83
C TYR A 112 53.69 -15.23 -3.22
N ILE A 113 52.94 -15.92 -4.07
CA ILE A 113 51.67 -15.39 -4.56
C ILE A 113 50.49 -16.26 -4.13
N GLU A 114 49.46 -15.63 -3.59
CA GLU A 114 48.28 -16.34 -3.12
C GLU A 114 47.05 -16.03 -3.98
N PHE A 115 46.31 -17.07 -4.33
CA PHE A 115 45.10 -16.94 -5.16
C PHE A 115 43.87 -17.45 -4.43
N PRO A 116 43.11 -16.55 -3.80
CA PRO A 116 41.89 -16.96 -3.09
C PRO A 116 40.86 -17.53 -4.07
N CYS A 117 40.13 -18.56 -3.63
CA CYS A 117 39.11 -19.17 -4.46
C CYS A 117 37.80 -19.29 -3.69
N TYR A 118 37.78 -20.22 -2.73
CA TYR A 118 36.60 -20.50 -1.92
C TYR A 118 35.35 -20.67 -2.78
N ARG A 119 35.43 -21.62 -3.70
CA ARG A 119 34.35 -21.89 -4.63
C ARG A 119 34.22 -23.40 -4.83
N TRP A 120 33.00 -23.84 -5.09
CA TRP A 120 32.77 -25.22 -5.48
C TRP A 120 33.10 -25.38 -6.96
N ILE A 121 33.87 -26.40 -7.28
CA ILE A 121 34.27 -26.63 -8.66
C ILE A 121 33.70 -27.93 -9.20
N THR A 122 32.93 -27.82 -10.28
CA THR A 122 32.40 -28.99 -10.97
C THR A 122 33.28 -29.32 -12.16
N GLY A 123 32.99 -30.41 -12.85
CA GLY A 123 33.82 -30.84 -13.96
C GLY A 123 33.38 -30.31 -15.30
N ASP A 124 32.41 -29.39 -15.30
CA ASP A 124 31.84 -28.87 -16.54
C ASP A 124 32.43 -27.54 -17.00
N VAL A 125 33.48 -27.08 -16.32
CA VAL A 125 34.05 -25.76 -16.61
C VAL A 125 35.47 -25.56 -16.11
N GLU A 126 36.06 -24.43 -16.50
CA GLU A 126 37.41 -24.05 -16.09
C GLU A 126 37.36 -22.82 -15.17
N VAL A 127 38.03 -22.90 -14.04
CA VAL A 127 38.07 -21.79 -13.08
C VAL A 127 39.36 -21.01 -13.22
N VAL A 128 39.25 -19.69 -13.26
CA VAL A 128 40.41 -18.81 -13.41
C VAL A 128 40.45 -17.78 -12.29
N LEU A 129 41.58 -17.74 -11.59
CA LEU A 129 41.72 -16.93 -10.38
C LEU A 129 42.74 -15.81 -10.54
N ARG A 130 42.42 -14.63 -10.02
CA ARG A 130 43.37 -13.54 -9.84
C ARG A 130 44.12 -13.78 -8.52
N ASP A 131 45.26 -13.12 -8.34
CA ASP A 131 45.92 -13.17 -7.05
C ASP A 131 45.12 -12.35 -6.03
N GLY A 132 45.42 -12.54 -4.75
CA GLY A 132 44.58 -12.03 -3.67
C GLY A 132 44.43 -10.52 -3.55
N ARG A 133 45.37 -9.77 -4.12
CA ARG A 133 45.34 -8.31 -4.01
C ARG A 133 44.07 -7.73 -4.63
N ALA A 134 43.35 -6.94 -3.85
CA ALA A 134 42.07 -6.37 -4.30
C ALA A 134 42.29 -5.24 -5.31
N LYS A 135 41.49 -5.26 -6.38
CA LYS A 135 41.70 -4.35 -7.50
C LYS A 135 40.40 -3.72 -7.99
N LEU A 136 40.43 -2.41 -8.19
CA LEU A 136 39.33 -1.72 -8.87
C LEU A 136 39.56 -1.82 -10.38
N ALA A 137 38.51 -1.63 -11.15
CA ALA A 137 38.60 -1.73 -12.62
C ALA A 137 39.68 -0.79 -13.16
N ARG A 138 39.84 0.36 -12.52
CA ARG A 138 40.83 1.35 -12.97
C ARG A 138 42.25 0.88 -12.69
N ASP A 139 42.38 -0.18 -11.91
CA ASP A 139 43.68 -0.75 -11.60
C ASP A 139 44.19 -1.63 -12.73
N ASP A 140 43.26 -2.21 -13.49
CA ASP A 140 43.59 -3.15 -14.56
C ASP A 140 43.64 -2.47 -15.92
N GLN A 141 44.84 -2.38 -16.51
CA GLN A 141 44.97 -1.73 -17.81
C GLN A 141 45.67 -2.60 -18.86
N ILE A 142 46.01 -3.83 -18.50
CA ILE A 142 46.50 -4.79 -19.49
C ILE A 142 45.42 -5.77 -19.91
N HIS A 143 45.46 -6.20 -21.17
CA HIS A 143 44.41 -7.02 -21.75
C HIS A 143 44.05 -8.26 -20.93
N ILE A 144 45.06 -9.03 -20.55
CA ILE A 144 44.85 -10.26 -19.80
C ILE A 144 43.93 -10.06 -18.58
N LEU A 145 44.16 -8.98 -17.85
CA LEU A 145 43.37 -8.72 -16.65
C LEU A 145 41.99 -8.17 -17.00
N LYS A 146 41.94 -7.28 -17.98
CA LYS A 146 40.66 -6.69 -18.38
C LYS A 146 39.72 -7.74 -18.96
N GLN A 147 40.24 -8.63 -19.79
CA GLN A 147 39.44 -9.70 -20.37
C GLN A 147 38.89 -10.64 -19.30
N HIS A 148 39.74 -11.05 -18.37
CA HIS A 148 39.30 -11.94 -17.30
C HIS A 148 38.19 -11.29 -16.47
N ARG A 149 38.40 -10.05 -16.07
CA ARG A 149 37.44 -9.32 -15.26
C ARG A 149 36.10 -9.22 -15.97
N ARG A 150 36.13 -8.84 -17.25
CA ARG A 150 34.92 -8.67 -18.05
C ARG A 150 34.20 -10.00 -18.35
N LYS A 151 34.98 -11.05 -18.62
CA LYS A 151 34.39 -12.35 -18.90
C LYS A 151 33.79 -12.98 -17.65
N GLU A 152 34.35 -12.64 -16.48
CA GLU A 152 33.84 -13.13 -15.21
C GLU A 152 32.47 -12.55 -14.89
N LEU A 153 32.31 -11.26 -15.15
CA LEU A 153 31.04 -10.57 -14.91
C LEU A 153 29.98 -11.06 -15.90
N GLU A 154 30.41 -11.32 -17.12
CA GLU A 154 29.55 -11.88 -18.17
C GLU A 154 28.97 -13.22 -17.72
N THR A 155 29.84 -14.04 -17.13
CA THR A 155 29.43 -15.35 -16.64
C THR A 155 28.53 -15.20 -15.42
N ARG A 156 28.91 -14.30 -14.51
CA ARG A 156 28.13 -14.05 -13.31
C ARG A 156 26.69 -13.69 -13.67
N GLN A 157 26.53 -12.88 -14.71
CA GLN A 157 25.23 -12.34 -15.06
C GLN A 157 24.35 -13.30 -15.86
N LYS A 158 24.92 -14.43 -16.26
CA LYS A 158 24.16 -15.53 -16.81
C LYS A 158 23.76 -16.47 -15.67
N GLN A 159 24.67 -16.63 -14.72
CA GLN A 159 24.48 -17.53 -13.58
C GLN A 159 23.46 -17.00 -12.58
N TYR A 160 23.61 -15.74 -12.20
CA TYR A 160 22.81 -15.14 -11.15
C TYR A 160 21.85 -14.12 -11.72
N ARG A 161 20.61 -14.55 -11.93
CA ARG A 161 19.62 -13.67 -12.54
C ARG A 161 18.49 -13.35 -11.56
N TRP A 162 17.82 -12.23 -11.80
CA TRP A 162 16.71 -11.81 -10.96
C TRP A 162 15.43 -12.53 -11.35
N MET A 163 14.49 -12.57 -10.42
CA MET A 163 13.19 -13.19 -10.66
C MET A 163 12.19 -12.66 -9.65
N GLU A 164 10.93 -12.57 -10.06
CA GLU A 164 9.87 -12.15 -9.16
C GLU A 164 9.13 -13.38 -8.63
N TRP A 165 9.39 -13.72 -7.37
CA TRP A 165 8.76 -14.90 -6.77
C TRP A 165 7.28 -14.66 -6.51
N ASN A 166 6.97 -13.46 -6.02
CA ASN A 166 5.60 -13.05 -5.81
C ASN A 166 5.43 -11.59 -6.17
N PRO A 167 4.27 -11.23 -6.75
CA PRO A 167 4.00 -9.85 -7.14
C PRO A 167 4.28 -8.86 -6.02
N GLY A 168 5.03 -7.81 -6.34
CA GLY A 168 5.29 -6.74 -5.39
C GLY A 168 6.48 -7.02 -4.48
N PHE A 169 6.96 -8.26 -4.47
CA PHE A 169 8.10 -8.64 -3.64
C PHE A 169 9.40 -8.05 -4.16
N PRO A 170 10.39 -7.88 -3.27
CA PRO A 170 11.72 -7.58 -3.78
C PRO A 170 12.12 -8.74 -4.68
N LEU A 171 12.89 -8.47 -5.73
CA LEU A 171 13.30 -9.54 -6.62
C LEU A 171 14.26 -10.48 -5.91
N SER A 172 14.24 -11.75 -6.30
CA SER A 172 15.15 -12.73 -5.73
C SER A 172 15.80 -13.55 -6.83
N ILE A 173 16.58 -14.55 -6.43
CA ILE A 173 17.32 -15.37 -7.38
C ILE A 173 16.36 -16.10 -8.32
N ASP A 174 16.75 -16.22 -9.58
CA ASP A 174 15.95 -16.97 -10.55
C ASP A 174 16.24 -18.45 -10.40
N ALA A 175 15.53 -19.09 -9.49
CA ALA A 175 15.69 -20.52 -9.24
C ALA A 175 14.44 -21.08 -8.59
N LYS A 176 13.89 -22.14 -9.18
CA LYS A 176 12.67 -22.75 -8.67
C LYS A 176 12.94 -23.54 -7.40
N CYS A 177 14.13 -24.15 -7.34
CA CYS A 177 14.50 -24.95 -6.18
C CYS A 177 15.97 -24.78 -5.82
N HIS A 178 16.34 -25.29 -4.65
CA HIS A 178 17.69 -25.14 -4.14
C HIS A 178 18.76 -25.73 -5.06
N LYS A 179 18.47 -26.88 -5.65
CA LYS A 179 19.46 -27.57 -6.46
C LYS A 179 19.67 -26.91 -7.81
N ASP A 180 18.76 -26.01 -8.19
CA ASP A 180 18.89 -25.27 -9.44
C ASP A 180 19.81 -24.08 -9.30
N LEU A 181 20.27 -23.83 -8.07
CA LEU A 181 21.22 -22.75 -7.83
C LEU A 181 22.61 -23.15 -8.32
N PRO A 182 23.43 -22.16 -8.69
CA PRO A 182 24.84 -22.45 -8.97
C PRO A 182 25.44 -23.15 -7.75
N ARG A 183 26.26 -24.18 -7.98
CA ARG A 183 26.81 -24.95 -6.88
C ARG A 183 27.53 -24.06 -5.89
N ASP A 184 28.00 -22.91 -6.36
CA ASP A 184 28.76 -21.98 -5.53
C ASP A 184 27.99 -21.41 -4.35
N ILE A 185 26.71 -21.14 -4.54
CA ILE A 185 25.92 -20.53 -3.48
C ILE A 185 24.95 -21.51 -2.84
N GLN A 186 25.08 -22.78 -3.19
CA GLN A 186 24.26 -23.82 -2.57
C GLN A 186 24.71 -24.06 -1.14
N PHE A 187 23.76 -24.34 -0.25
CA PHE A 187 24.07 -24.58 1.15
C PHE A 187 24.01 -26.06 1.49
N ASP A 188 25.12 -26.57 2.02
CA ASP A 188 25.28 -27.99 2.33
C ASP A 188 23.98 -28.68 2.78
N SER A 189 23.19 -28.00 3.61
CA SER A 189 21.89 -28.50 4.08
C SER A 189 21.92 -28.92 5.54
N PHE A 195 12.84 -26.88 7.02
CA PHE A 195 12.65 -27.30 8.41
C PHE A 195 11.59 -28.40 8.53
N VAL A 196 11.36 -29.14 7.45
CA VAL A 196 10.54 -30.34 7.54
C VAL A 196 11.34 -31.36 8.36
N LEU A 197 12.65 -31.12 8.39
CA LEU A 197 13.61 -31.92 9.16
C LEU A 197 13.56 -31.57 10.61
N ASN A 198 13.66 -30.27 10.85
CA ASN A 198 13.63 -29.72 12.19
C ASN A 198 12.48 -30.37 12.91
N TYR A 199 11.35 -30.46 12.21
CA TYR A 199 10.18 -31.17 12.70
C TYR A 199 10.59 -32.55 13.17
N SER A 200 11.28 -33.28 12.31
CA SER A 200 11.79 -34.60 12.66
C SER A 200 12.80 -34.54 13.80
N LYS A 201 13.62 -33.50 13.80
CA LYS A 201 14.63 -33.35 14.85
C LYS A 201 13.96 -33.19 16.21
N ALA A 202 13.02 -32.25 16.31
CA ALA A 202 12.28 -32.03 17.55
C ALA A 202 11.66 -33.33 18.04
N MET A 203 10.96 -34.02 17.14
CA MET A 203 10.29 -35.27 17.48
C MET A 203 11.23 -36.34 18.03
N GLU A 204 12.24 -36.69 17.26
CA GLU A 204 13.19 -37.73 17.65
C GLU A 204 14.00 -37.36 18.90
N ASN A 205 14.73 -36.25 18.83
CA ASN A 205 15.56 -35.83 19.94
C ASN A 205 14.80 -35.70 21.24
N LEU A 206 13.58 -35.17 21.16
CA LEU A 206 12.70 -35.03 22.32
C LEU A 206 12.62 -36.35 23.07
N PHE A 207 12.23 -37.41 22.36
CA PHE A 207 12.18 -38.75 22.94
C PHE A 207 13.56 -39.21 23.39
N GLN A 216 13.38 -37.96 27.74
CA GLN A 216 12.70 -39.06 27.05
C GLN A 216 11.23 -39.11 27.44
N SER A 217 10.35 -39.09 26.45
CA SER A 217 8.92 -38.97 26.71
C SER A 217 8.08 -40.11 26.16
N SER A 218 6.77 -39.89 26.16
CA SER A 218 5.80 -40.82 25.57
C SER A 218 5.14 -40.16 24.37
N TRP A 219 4.54 -40.96 23.50
CA TRP A 219 3.86 -40.42 22.32
C TRP A 219 2.67 -39.56 22.71
N ASN A 220 2.14 -39.80 23.91
CA ASN A 220 0.97 -39.08 24.39
C ASN A 220 1.29 -37.71 24.96
N ASP A 221 2.57 -37.39 25.04
CA ASP A 221 2.99 -36.06 25.49
C ASP A 221 2.65 -35.01 24.43
N PHE A 222 2.47 -35.45 23.19
CA PHE A 222 2.11 -34.56 22.10
C PHE A 222 0.67 -34.07 22.20
N ALA A 223 -0.07 -34.60 23.18
CA ALA A 223 -1.45 -34.18 23.38
C ALA A 223 -1.51 -32.81 24.03
N ASP A 224 -0.44 -32.43 24.72
CA ASP A 224 -0.36 -31.13 25.38
C ASP A 224 1.06 -30.57 25.33
N PHE A 225 1.20 -29.39 24.74
CA PHE A 225 2.50 -28.75 24.57
C PHE A 225 3.19 -28.48 25.91
N GLU A 226 2.39 -28.16 26.92
CA GLU A 226 2.92 -27.82 28.24
C GLU A 226 3.60 -29.03 28.89
N LYS A 227 3.18 -30.23 28.50
CA LYS A 227 3.83 -31.45 28.96
C LYS A 227 5.25 -31.50 28.45
N ILE A 228 5.46 -30.92 27.27
CA ILE A 228 6.78 -30.87 26.65
C ILE A 228 7.56 -29.66 27.15
N PHE A 229 6.84 -28.60 27.48
CA PHE A 229 7.47 -27.31 27.80
C PHE A 229 8.34 -27.37 29.06
N VAL A 230 7.83 -27.99 30.12
CA VAL A 230 8.58 -28.04 31.36
C VAL A 230 9.84 -28.89 31.24
N LYS A 231 9.82 -29.83 30.31
CA LYS A 231 11.00 -30.64 30.01
C LYS A 231 12.05 -29.81 29.27
N ILE A 232 11.58 -28.82 28.51
CA ILE A 232 12.48 -27.97 27.74
C ILE A 232 12.25 -26.49 28.05
N SER A 233 13.09 -25.93 28.90
CA SER A 233 12.97 -24.53 29.25
C SER A 233 14.33 -23.90 29.51
N ASN A 234 14.59 -22.77 28.85
CA ASN A 234 15.75 -21.97 29.18
C ASN A 234 15.34 -20.95 30.24
N THR A 235 16.28 -20.13 30.67
CA THR A 235 16.04 -19.18 31.75
C THR A 235 14.85 -18.26 31.43
N ILE A 236 14.85 -17.67 30.24
CA ILE A 236 13.85 -16.68 29.89
C ILE A 236 12.45 -17.24 29.64
N SER A 237 12.37 -18.36 28.94
CA SER A 237 11.07 -18.94 28.60
C SER A 237 10.33 -19.38 29.86
N GLU A 238 11.07 -19.87 30.84
CA GLU A 238 10.49 -20.24 32.13
C GLU A 238 10.00 -18.99 32.86
N ARG A 239 10.71 -17.89 32.66
CA ARG A 239 10.32 -16.60 33.22
C ARG A 239 9.02 -16.14 32.56
N VAL A 240 8.92 -16.36 31.26
CA VAL A 240 7.75 -15.96 30.50
C VAL A 240 6.52 -16.76 30.91
N MET A 241 6.70 -18.06 31.14
CA MET A 241 5.61 -18.91 31.58
C MET A 241 5.01 -18.42 32.90
N ASN A 242 5.88 -17.93 33.78
CA ASN A 242 5.44 -17.48 35.11
C ASN A 242 4.91 -16.05 35.15
N HIS A 243 5.37 -15.20 34.23
CA HIS A 243 5.08 -13.77 34.31
C HIS A 243 4.40 -13.18 33.08
N TRP A 244 3.98 -14.03 32.16
CA TRP A 244 3.45 -13.54 30.88
C TRP A 244 2.16 -12.72 31.03
N GLN A 245 1.51 -12.83 32.18
CA GLN A 245 0.25 -12.13 32.40
C GLN A 245 0.47 -10.73 32.99
N GLU A 246 1.72 -10.41 33.30
CA GLU A 246 2.04 -9.13 33.92
C GLU A 246 2.19 -8.03 32.89
N ASP A 247 1.67 -6.85 33.22
CA ASP A 247 1.75 -5.70 32.32
C ASP A 247 3.20 -5.30 32.07
N LEU A 248 4.05 -5.44 33.09
CA LEU A 248 5.46 -5.10 32.98
C LEU A 248 6.18 -5.95 31.95
N MET A 249 5.94 -7.25 31.96
CA MET A 249 6.56 -8.15 31.00
C MET A 249 6.03 -7.91 29.59
N PHE A 250 4.75 -7.56 29.50
CA PHE A 250 4.10 -7.27 28.23
C PHE A 250 4.77 -6.08 27.55
N GLY A 251 4.95 -5.00 28.30
CA GLY A 251 5.56 -3.79 27.77
C GLY A 251 7.05 -3.94 27.56
N TYR A 252 7.67 -4.79 28.37
CA TYR A 252 9.11 -5.00 28.31
C TYR A 252 9.53 -5.53 26.94
N GLN A 253 8.68 -6.35 26.34
CA GLN A 253 9.02 -7.02 25.08
C GLN A 253 9.12 -6.07 23.89
N PHE A 254 8.42 -4.94 23.94
CA PHE A 254 8.48 -3.97 22.86
C PHE A 254 9.85 -3.30 22.79
N LEU A 255 10.61 -3.40 23.87
CA LEU A 255 11.93 -2.80 23.93
C LEU A 255 13.02 -3.85 23.83
N ASN A 256 12.86 -4.93 24.56
CA ASN A 256 13.94 -5.91 24.70
C ASN A 256 13.51 -7.35 24.40
N GLY A 257 12.37 -7.49 23.75
CA GLY A 257 11.88 -8.80 23.37
C GLY A 257 12.44 -9.25 22.04
N ALA A 258 11.73 -10.16 21.39
CA ALA A 258 12.17 -10.75 20.14
C ALA A 258 11.93 -9.83 18.93
N ASN A 259 11.13 -8.79 19.13
CA ASN A 259 10.72 -7.92 18.04
C ASN A 259 10.57 -6.46 18.47
N PRO A 260 11.67 -5.83 18.91
CA PRO A 260 11.62 -4.51 19.53
C PRO A 260 11.77 -3.36 18.54
N VAL A 261 11.06 -3.42 17.42
CA VAL A 261 11.24 -2.43 16.37
C VAL A 261 9.96 -1.64 16.05
N LEU A 262 8.88 -1.97 16.73
CA LEU A 262 7.57 -1.40 16.41
C LEU A 262 7.23 -0.15 17.22
N ILE A 263 7.55 -0.17 18.51
CA ILE A 263 7.19 0.91 19.41
C ILE A 263 7.75 2.25 18.93
N ARG A 264 6.92 3.28 18.99
CA ARG A 264 7.36 4.63 18.65
C ARG A 264 6.82 5.60 19.69
N ARG A 265 7.48 6.74 19.83
CA ARG A 265 7.01 7.78 20.75
C ARG A 265 5.82 8.52 20.15
N CYS A 266 4.74 8.63 20.92
CA CYS A 266 3.53 9.29 20.45
C CYS A 266 3.56 10.78 20.77
N THR A 267 3.55 11.61 19.73
CA THR A 267 3.56 13.06 19.90
C THR A 267 2.15 13.64 19.90
N GLU A 268 1.17 12.83 19.52
CA GLU A 268 -0.22 13.25 19.56
C GLU A 268 -1.17 12.05 19.40
N LEU A 269 -2.22 12.04 20.21
CA LEU A 269 -3.20 10.96 20.18
C LEU A 269 -3.92 10.92 18.84
N PRO A 270 -3.88 9.76 18.17
CA PRO A 270 -4.57 9.60 16.88
C PRO A 270 -6.08 9.62 17.05
N GLU A 271 -6.76 10.21 16.08
CA GLU A 271 -8.22 10.29 16.11
C GLU A 271 -8.89 8.93 16.19
N LYS A 272 -8.28 7.93 15.56
CA LYS A 272 -8.83 6.58 15.56
C LYS A 272 -8.86 5.92 16.94
N LEU A 273 -8.17 6.52 17.90
CA LEU A 273 -8.14 6.00 19.27
C LEU A 273 -8.69 7.04 20.25
N PRO A 274 -10.01 7.01 20.47
CA PRO A 274 -10.69 8.00 21.31
C PRO A 274 -10.54 7.69 22.79
N VAL A 275 -9.30 7.65 23.27
CA VAL A 275 -9.02 7.40 24.67
C VAL A 275 -8.95 8.73 25.43
N THR A 276 -9.44 8.75 26.66
CA THR A 276 -9.47 9.97 27.45
C THR A 276 -8.67 9.83 28.74
N THR A 277 -8.40 10.96 29.38
CA THR A 277 -7.70 10.96 30.66
C THR A 277 -8.46 10.15 31.71
N GLU A 278 -9.79 10.26 31.71
CA GLU A 278 -10.63 9.53 32.67
C GLU A 278 -10.47 8.02 32.52
N MET A 279 -10.33 7.56 31.28
CA MET A 279 -10.20 6.13 31.01
C MET A 279 -8.92 5.53 31.57
N VAL A 280 -7.84 6.32 31.56
CA VAL A 280 -6.52 5.82 31.93
C VAL A 280 -5.94 6.50 33.16
N GLU A 281 -6.73 7.34 33.83
CA GLU A 281 -6.26 8.09 34.98
CA GLU A 281 -6.26 8.09 34.98
C GLU A 281 -5.58 7.19 36.00
N CYS A 282 -6.09 5.98 36.17
CA CYS A 282 -5.54 5.03 37.12
C CYS A 282 -4.08 4.65 36.81
N SER A 283 -3.72 4.68 35.53
CA SER A 283 -2.38 4.28 35.12
C SER A 283 -1.36 5.42 35.25
N LEU A 284 -1.82 6.65 35.08
CA LEU A 284 -0.93 7.82 35.12
C LEU A 284 -0.47 8.12 36.54
N GLU A 285 0.78 8.53 36.68
CA GLU A 285 1.39 8.66 37.99
C GLU A 285 2.08 10.00 38.24
N ARG A 286 1.87 10.97 37.36
CA ARG A 286 2.57 12.25 37.47
C ARG A 286 1.66 13.44 37.73
N GLN A 287 0.38 13.19 38.01
CA GLN A 287 -0.57 14.26 38.25
C GLN A 287 -0.75 15.11 37.00
N LEU A 288 -0.50 14.50 35.84
CA LEU A 288 -0.72 15.16 34.57
C LEU A 288 -1.86 14.47 33.83
N SER A 289 -2.56 15.23 33.00
CA SER A 289 -3.60 14.67 32.14
C SER A 289 -2.94 13.81 31.07
N LEU A 290 -3.72 12.95 30.43
CA LEU A 290 -3.19 12.13 29.35
C LEU A 290 -2.54 13.02 28.30
N GLU A 291 -3.24 14.10 27.92
CA GLU A 291 -2.75 15.04 26.94
C GLU A 291 -1.38 15.59 27.32
N GLN A 292 -1.22 15.94 28.59
CA GLN A 292 0.06 16.48 29.07
C GLN A 292 1.17 15.43 29.04
N GLU A 293 0.83 14.19 29.40
CA GLU A 293 1.78 13.09 29.36
C GLU A 293 2.33 12.90 27.96
N VAL A 294 1.46 13.12 26.96
CA VAL A 294 1.89 13.01 25.57
C VAL A 294 2.91 14.09 25.22
N GLN A 295 2.62 15.32 25.62
CA GLN A 295 3.54 16.44 25.37
C GLN A 295 4.86 16.27 26.10
N GLN A 296 4.83 15.59 27.24
CA GLN A 296 6.03 15.34 28.03
C GLN A 296 6.87 14.21 27.44
N GLY A 297 6.32 13.51 26.47
CA GLY A 297 7.01 12.41 25.84
C GLY A 297 7.02 11.14 26.68
N ASN A 298 5.97 10.95 27.46
CA ASN A 298 5.85 9.75 28.29
C ASN A 298 4.88 8.72 27.72
N ILE A 299 4.29 9.05 26.57
CA ILE A 299 3.32 8.16 25.96
C ILE A 299 3.85 7.55 24.68
N PHE A 300 3.70 6.24 24.55
CA PHE A 300 4.21 5.52 23.39
C PHE A 300 3.11 4.70 22.75
N ILE A 301 3.34 4.30 21.51
CA ILE A 301 2.29 3.61 20.76
C ILE A 301 2.84 2.52 19.84
N VAL A 302 2.08 1.44 19.74
CA VAL A 302 2.33 0.39 18.77
C VAL A 302 1.06 0.22 17.94
N ASP A 303 1.18 0.44 16.64
CA ASP A 303 0.02 0.53 15.75
C ASP A 303 0.13 -0.45 14.58
N PHE A 304 -0.70 -1.48 14.59
CA PHE A 304 -0.63 -2.57 13.60
C PHE A 304 -1.54 -2.37 12.37
N GLU A 305 -1.58 -1.15 11.83
CA GLU A 305 -2.42 -0.89 10.67
C GLU A 305 -1.93 -1.65 9.44
N LEU A 306 -0.74 -2.24 9.54
CA LEU A 306 -0.24 -3.13 8.51
C LEU A 306 -1.15 -4.35 8.41
N LEU A 307 -1.66 -4.80 9.55
CA LEU A 307 -2.58 -5.92 9.61
C LEU A 307 -3.98 -5.53 9.15
N ASP A 308 -4.20 -4.22 9.01
CA ASP A 308 -5.48 -3.69 8.57
C ASP A 308 -5.65 -3.94 7.07
N GLY A 309 -6.72 -4.63 6.70
CA GLY A 309 -6.98 -4.90 5.30
C GLY A 309 -6.47 -6.26 4.83
N ILE A 310 -5.92 -7.05 5.75
CA ILE A 310 -5.49 -8.39 5.42
C ILE A 310 -6.70 -9.33 5.46
N ASP A 311 -6.61 -10.45 4.73
CA ASP A 311 -7.70 -11.42 4.69
C ASP A 311 -7.48 -12.53 5.72
N CYS A 318 -4.90 -20.07 11.17
CA CYS A 318 -6.14 -20.40 10.47
C CYS A 318 -6.78 -19.16 9.84
N THR A 319 -6.02 -18.07 9.79
CA THR A 319 -6.46 -16.84 9.14
C THR A 319 -7.15 -15.86 10.10
N LEU A 320 -7.66 -16.38 11.21
CA LEU A 320 -8.44 -15.56 12.15
C LEU A 320 -7.61 -14.49 12.86
N GLN A 321 -6.34 -14.78 13.12
CA GLN A 321 -5.45 -13.80 13.72
C GLN A 321 -5.44 -12.48 12.92
N PHE A 322 -5.81 -12.57 11.64
CA PHE A 322 -5.81 -11.41 10.76
C PHE A 322 -7.08 -10.57 10.91
N LEU A 323 -7.98 -10.98 11.78
CA LEU A 323 -9.18 -10.21 12.05
C LEU A 323 -8.88 -9.01 12.94
N ALA A 324 -7.67 -8.95 13.46
CA ALA A 324 -7.27 -7.85 14.34
C ALA A 324 -6.19 -6.98 13.72
N ALA A 325 -6.20 -5.70 14.06
CA ALA A 325 -5.15 -4.77 13.70
C ALA A 325 -5.06 -3.77 14.83
N PRO A 326 -4.57 -4.23 15.98
CA PRO A 326 -4.66 -3.50 17.26
C PRO A 326 -3.87 -2.20 17.28
N ILE A 327 -4.26 -1.34 18.21
CA ILE A 327 -3.50 -0.15 18.56
C ILE A 327 -3.22 -0.25 20.04
N CYS A 328 -1.96 -0.36 20.42
CA CYS A 328 -1.59 -0.48 21.83
C CYS A 328 -0.95 0.80 22.34
N LEU A 329 -1.55 1.39 23.35
CA LEU A 329 -1.02 2.61 23.94
C LEU A 329 -0.23 2.28 25.19
N LEU A 330 0.97 2.84 25.30
CA LEU A 330 1.85 2.51 26.41
C LEU A 330 2.34 3.75 27.13
N TYR A 331 2.75 3.56 28.37
CA TYR A 331 3.08 4.67 29.25
C TYR A 331 4.41 4.42 29.94
N LYS A 332 5.25 5.45 30.00
CA LYS A 332 6.49 5.37 30.74
C LYS A 332 6.25 5.79 32.20
N ASN A 333 6.18 4.81 33.09
CA ASN A 333 5.84 5.10 34.48
C ASN A 333 6.97 5.78 35.24
N LEU A 334 6.75 6.04 36.53
CA LEU A 334 7.73 6.76 37.35
C LEU A 334 9.09 6.07 37.36
N ALA A 335 9.08 4.74 37.28
CA ALA A 335 10.32 3.98 37.29
C ALA A 335 10.94 3.93 35.90
N ASN A 336 10.39 4.69 34.97
CA ASN A 336 10.85 4.68 33.58
C ASN A 336 10.66 3.33 32.92
N LYS A 337 9.57 2.66 33.24
CA LYS A 337 9.23 1.39 32.60
C LYS A 337 7.98 1.54 31.74
N ILE A 338 8.01 0.91 30.57
CA ILE A 338 6.89 0.97 29.63
C ILE A 338 5.83 -0.08 29.98
N VAL A 339 4.59 0.38 30.18
CA VAL A 339 3.47 -0.51 30.47
C VAL A 339 2.27 -0.16 29.60
N PRO A 340 1.46 -1.17 29.24
CA PRO A 340 0.25 -0.93 28.44
C PRO A 340 -0.83 -0.26 29.28
N ILE A 341 -1.47 0.78 28.74
CA ILE A 341 -2.53 1.46 29.47
C ILE A 341 -3.85 1.45 28.71
N ALA A 342 -3.81 1.09 27.43
CA ALA A 342 -5.02 1.00 26.63
C ALA A 342 -4.79 0.15 25.39
N ILE A 343 -5.80 -0.62 25.01
CA ILE A 343 -5.72 -1.47 23.83
C ILE A 343 -7.03 -1.49 23.05
N GLN A 344 -6.95 -1.14 21.78
CA GLN A 344 -8.07 -1.25 20.86
C GLN A 344 -7.69 -2.26 19.78
N LEU A 345 -8.48 -3.32 19.64
CA LEU A 345 -8.06 -4.47 18.84
C LEU A 345 -8.20 -4.27 17.33
N ASN A 346 -8.96 -3.25 16.93
CA ASN A 346 -9.02 -2.86 15.53
C ASN A 346 -8.83 -1.37 15.33
N GLN A 347 -8.63 -0.98 14.08
CA GLN A 347 -8.30 0.40 13.71
C GLN A 347 -9.46 1.39 13.87
N ILE A 348 -10.64 1.02 13.39
CA ILE A 348 -11.78 1.93 13.41
C ILE A 348 -12.54 1.83 14.73
N PRO A 349 -12.52 2.92 15.52
CA PRO A 349 -13.18 2.94 16.84
C PRO A 349 -14.69 2.76 16.70
N GLY A 350 -15.30 2.11 17.69
CA GLY A 350 -16.73 1.86 17.64
C GLY A 350 -17.24 1.03 18.80
N ASP A 351 -18.55 0.81 18.84
CA ASP A 351 -19.17 0.04 19.90
C ASP A 351 -18.85 -1.45 19.78
N GLU A 352 -18.43 -1.87 18.59
CA GLU A 352 -18.03 -3.25 18.37
C GLU A 352 -16.51 -3.40 18.55
N ASN A 353 -15.87 -2.28 18.85
CA ASN A 353 -14.42 -2.22 18.93
C ASN A 353 -13.98 -1.43 20.16
N PRO A 354 -14.17 -2.02 21.34
CA PRO A 354 -13.98 -1.36 22.63
C PRO A 354 -12.52 -1.06 22.95
N ILE A 355 -12.29 0.00 23.73
CA ILE A 355 -10.96 0.29 24.24
C ILE A 355 -10.77 -0.43 25.57
N PHE A 356 -9.96 -1.49 25.55
CA PHE A 356 -9.69 -2.28 26.75
C PHE A 356 -8.68 -1.62 27.66
N LEU A 357 -8.87 -1.78 28.97
CA LEU A 357 -7.99 -1.15 29.94
C LEU A 357 -7.59 -2.14 31.04
N PRO A 358 -6.47 -1.86 31.72
CA PRO A 358 -6.01 -2.71 32.82
C PRO A 358 -7.01 -2.70 33.98
N SER A 359 -7.95 -1.77 33.95
CA SER A 359 -8.97 -1.66 34.98
C SER A 359 -10.22 -2.48 34.64
N ASP A 360 -10.21 -3.10 33.46
CA ASP A 360 -11.32 -3.97 33.05
C ASP A 360 -11.22 -5.29 33.79
N ALA A 361 -12.24 -6.12 33.63
CA ALA A 361 -12.22 -7.46 34.20
C ALA A 361 -10.95 -8.19 33.76
N LYS A 362 -10.37 -8.95 34.68
CA LYS A 362 -9.09 -9.62 34.47
C LYS A 362 -8.96 -10.23 33.08
N TYR A 363 -9.94 -11.00 32.66
CA TYR A 363 -9.86 -11.75 31.42
C TYR A 363 -10.14 -10.90 30.17
N ASP A 364 -10.82 -9.77 30.38
CA ASP A 364 -10.97 -8.79 29.31
C ASP A 364 -9.60 -8.25 28.93
N TRP A 365 -8.88 -7.77 29.95
CA TRP A 365 -7.58 -7.18 29.76
C TRP A 365 -6.58 -8.20 29.24
N LEU A 366 -6.62 -9.41 29.79
CA LEU A 366 -5.67 -10.45 29.39
C LEU A 366 -5.83 -10.84 27.93
N LEU A 367 -7.08 -11.01 27.48
CA LEU A 367 -7.33 -11.42 26.10
C LEU A 367 -6.90 -10.33 25.11
N ALA A 368 -7.16 -9.07 25.49
CA ALA A 368 -6.72 -7.93 24.68
C ALA A 368 -5.21 -7.99 24.45
N LYS A 369 -4.45 -8.25 25.52
CA LYS A 369 -2.99 -8.35 25.42
C LYS A 369 -2.56 -9.54 24.56
N ILE A 370 -3.24 -10.67 24.73
CA ILE A 370 -2.94 -11.85 23.91
C ILE A 370 -3.08 -11.54 22.43
N TRP A 371 -4.10 -10.76 22.06
CA TRP A 371 -4.32 -10.39 20.68
C TRP A 371 -3.20 -9.49 20.16
N VAL A 372 -2.69 -8.61 21.01
CA VAL A 372 -1.57 -7.75 20.65
C VAL A 372 -0.30 -8.59 20.47
N ARG A 373 -0.10 -9.57 21.35
CA ARG A 373 1.03 -10.49 21.24
C ARG A 373 0.93 -11.30 19.95
N SER A 374 -0.29 -11.68 19.60
CA SER A 374 -0.54 -12.41 18.36
C SER A 374 -0.14 -11.57 17.16
N SER A 375 -0.52 -10.30 17.19
CA SER A 375 -0.24 -9.39 16.08
C SER A 375 1.25 -9.10 15.96
N ASP A 376 1.91 -8.92 17.10
CA ASP A 376 3.33 -8.65 17.13
C ASP A 376 4.11 -9.83 16.54
N PHE A 377 3.62 -11.04 16.81
CA PHE A 377 4.26 -12.25 16.34
C PHE A 377 4.25 -12.36 14.82
N HIS A 378 3.11 -12.04 14.21
CA HIS A 378 2.98 -12.16 12.76
C HIS A 378 3.76 -11.08 12.02
N VAL A 379 3.78 -9.88 12.57
CA VAL A 379 4.57 -8.79 12.03
C VAL A 379 6.05 -9.13 12.15
N HIS A 380 6.43 -9.67 13.30
CA HIS A 380 7.81 -10.07 13.53
C HIS A 380 8.29 -11.13 12.53
N GLN A 381 7.48 -12.16 12.31
CA GLN A 381 7.87 -13.26 11.44
C GLN A 381 7.97 -12.86 9.98
N THR A 382 6.96 -12.13 9.49
CA THR A 382 6.85 -11.81 8.08
C THR A 382 7.61 -10.56 7.66
N ILE A 383 7.58 -9.55 8.53
CA ILE A 383 8.15 -8.24 8.20
C ILE A 383 9.53 -8.03 8.79
N THR A 384 9.61 -8.01 10.11
CA THR A 384 10.86 -7.77 10.81
C THR A 384 11.92 -8.79 10.44
N HIS A 385 11.51 -10.05 10.35
CA HIS A 385 12.43 -11.14 10.10
C HIS A 385 12.56 -11.45 8.60
N LEU A 386 11.51 -12.04 8.02
CA LEU A 386 11.56 -12.46 6.63
C LEU A 386 11.96 -11.33 5.68
N LEU A 387 11.09 -10.32 5.59
CA LEU A 387 11.29 -9.24 4.62
C LEU A 387 12.53 -8.38 4.89
N ARG A 388 12.60 -7.81 6.08
CA ARG A 388 13.59 -6.76 6.36
C ARG A 388 15.01 -7.26 6.66
N THR A 389 15.20 -8.57 6.74
CA THR A 389 16.54 -9.11 6.94
C THR A 389 16.90 -10.16 5.89
N HIS A 390 16.03 -11.14 5.70
CA HIS A 390 16.28 -12.19 4.72
C HIS A 390 16.22 -11.70 3.28
N LEU A 391 15.07 -11.19 2.87
CA LEU A 391 14.87 -10.78 1.48
C LEU A 391 15.79 -9.63 1.11
N VAL A 392 15.92 -8.66 2.02
CA VAL A 392 16.84 -7.54 1.83
C VAL A 392 18.27 -8.03 1.62
N SER A 393 18.70 -8.96 2.48
CA SER A 393 20.06 -9.49 2.40
C SER A 393 20.28 -10.23 1.07
N GLU A 394 19.26 -10.94 0.62
CA GLU A 394 19.34 -11.65 -0.64
C GLU A 394 19.50 -10.69 -1.81
N VAL A 395 18.79 -9.56 -1.76
CA VAL A 395 18.90 -8.55 -2.80
C VAL A 395 20.34 -8.09 -2.92
N PHE A 396 20.95 -7.79 -1.78
CA PHE A 396 22.34 -7.37 -1.73
C PHE A 396 23.28 -8.45 -2.24
N GLY A 397 22.99 -9.71 -1.88
CA GLY A 397 23.81 -10.83 -2.30
C GLY A 397 23.80 -11.03 -3.80
N ILE A 398 22.61 -10.97 -4.40
CA ILE A 398 22.49 -11.17 -5.84
C ILE A 398 23.15 -10.04 -6.61
N ALA A 399 22.91 -8.80 -6.18
CA ALA A 399 23.53 -7.65 -6.83
C ALA A 399 25.05 -7.73 -6.74
N MET A 400 25.54 -8.24 -5.62
CA MET A 400 26.97 -8.42 -5.42
C MET A 400 27.56 -9.38 -6.45
N TYR A 401 26.95 -10.56 -6.56
CA TYR A 401 27.43 -11.58 -7.48
C TYR A 401 27.36 -11.13 -8.94
N ARG A 402 26.31 -10.39 -9.29
CA ARG A 402 26.12 -9.95 -10.67
C ARG A 402 27.13 -8.89 -11.09
N GLN A 403 27.45 -7.97 -10.18
CA GLN A 403 28.15 -6.74 -10.55
C GLN A 403 29.59 -6.62 -10.02
N LEU A 404 29.95 -7.45 -9.05
CA LEU A 404 31.28 -7.35 -8.44
C LEU A 404 32.12 -8.60 -8.65
N PRO A 405 33.23 -8.47 -9.39
CA PRO A 405 34.15 -9.60 -9.60
C PRO A 405 34.85 -9.97 -8.30
N ALA A 406 35.33 -11.21 -8.21
CA ALA A 406 35.93 -11.72 -6.98
C ALA A 406 37.10 -10.87 -6.47
N VAL A 407 37.80 -10.22 -7.39
CA VAL A 407 38.99 -9.44 -7.04
C VAL A 407 38.65 -8.07 -6.45
N HIS A 408 37.42 -7.62 -6.64
CA HIS A 408 36.98 -6.32 -6.14
C HIS A 408 36.92 -6.34 -4.61
N PRO A 409 37.39 -5.26 -3.97
CA PRO A 409 37.44 -5.18 -2.50
C PRO A 409 36.06 -5.31 -1.85
N ILE A 410 35.02 -4.78 -2.50
CA ILE A 410 33.68 -4.87 -1.94
C ILE A 410 33.13 -6.29 -2.00
N PHE A 411 33.49 -7.04 -3.04
CA PHE A 411 33.14 -8.45 -3.09
C PHE A 411 33.81 -9.19 -1.93
N LYS A 412 35.11 -8.99 -1.79
CA LYS A 412 35.87 -9.66 -0.74
C LYS A 412 35.30 -9.37 0.64
N LEU A 413 34.85 -8.14 0.82
CA LEU A 413 34.27 -7.70 2.09
C LEU A 413 32.91 -8.34 2.34
N LEU A 414 32.01 -8.19 1.38
CA LEU A 414 30.61 -8.58 1.56
C LEU A 414 30.33 -10.08 1.47
N VAL A 415 31.14 -10.80 0.70
CA VAL A 415 30.82 -12.21 0.41
C VAL A 415 30.57 -13.04 1.67
N ALA A 416 31.27 -12.70 2.76
CA ALA A 416 31.15 -13.45 4.00
C ALA A 416 29.81 -13.19 4.70
N HIS A 417 29.19 -12.06 4.38
CA HIS A 417 27.97 -11.67 5.08
C HIS A 417 26.67 -11.97 4.32
N VAL A 418 26.77 -12.25 3.03
CA VAL A 418 25.56 -12.43 2.22
C VAL A 418 25.50 -13.74 1.44
N ARG A 419 26.62 -14.44 1.35
CA ARG A 419 26.73 -15.55 0.40
C ARG A 419 25.58 -16.56 0.47
N PHE A 420 25.24 -17.01 1.67
CA PHE A 420 24.31 -18.14 1.84
C PHE A 420 22.86 -17.73 2.12
N THR A 421 22.57 -16.44 1.98
CA THR A 421 21.21 -15.96 2.16
C THR A 421 20.35 -16.46 1.01
N ILE A 422 20.94 -16.56 -0.18
CA ILE A 422 20.23 -17.01 -1.36
C ILE A 422 19.75 -18.46 -1.24
N ALA A 423 20.63 -19.36 -0.82
CA ALA A 423 20.29 -20.77 -0.70
C ALA A 423 19.23 -20.99 0.38
N ILE A 424 19.42 -20.32 1.51
CA ILE A 424 18.49 -20.43 2.62
C ILE A 424 17.12 -19.91 2.24
N ASN A 425 17.08 -18.76 1.58
CA ASN A 425 15.80 -18.20 1.14
C ASN A 425 15.13 -19.11 0.11
N THR A 426 15.93 -19.76 -0.72
CA THR A 426 15.39 -20.64 -1.75
C THR A 426 14.78 -21.90 -1.12
N LYS A 427 15.46 -22.41 -0.09
CA LYS A 427 14.96 -23.56 0.66
C LYS A 427 13.62 -23.23 1.33
N ALA A 428 13.54 -22.04 1.92
CA ALA A 428 12.30 -21.58 2.54
C ALA A 428 11.19 -21.45 1.50
N ARG A 429 11.55 -20.98 0.31
CA ARG A 429 10.58 -20.78 -0.76
C ARG A 429 10.12 -22.08 -1.43
N GLU A 430 10.98 -23.10 -1.39
CA GLU A 430 10.72 -24.31 -2.17
C GLU A 430 9.82 -25.31 -1.45
N GLN A 431 9.56 -25.06 -0.17
CA GLN A 431 8.76 -25.99 0.64
C GLN A 431 7.90 -25.24 1.66
N GLY A 448 -1.68 -16.85 2.62
CA GLY A 448 -1.93 -15.70 1.77
C GLY A 448 -1.80 -14.38 2.52
N GLY A 449 -2.23 -14.38 3.78
CA GLY A 449 -2.18 -13.18 4.60
C GLY A 449 -0.78 -12.63 4.77
N HIS A 450 0.19 -13.52 4.98
CA HIS A 450 1.58 -13.10 5.15
C HIS A 450 2.15 -12.56 3.84
N VAL A 451 1.61 -13.03 2.71
CA VAL A 451 2.02 -12.51 1.41
C VAL A 451 1.52 -11.07 1.27
N GLN A 452 0.26 -10.84 1.65
CA GLN A 452 -0.30 -9.50 1.63
C GLN A 452 0.47 -8.55 2.53
N MET A 453 0.91 -9.07 3.67
CA MET A 453 1.68 -8.27 4.63
C MET A 453 2.98 -7.77 4.03
N VAL A 454 3.69 -8.66 3.35
CA VAL A 454 4.94 -8.28 2.69
C VAL A 454 4.69 -7.19 1.65
N GLN A 455 3.65 -7.39 0.84
CA GLN A 455 3.29 -6.41 -0.19
C GLN A 455 3.02 -5.04 0.41
N ARG A 456 2.25 -5.01 1.50
CA ARG A 456 1.89 -3.75 2.13
C ARG A 456 3.06 -3.09 2.85
N ALA A 457 4.04 -3.89 3.25
CA ALA A 457 5.19 -3.38 3.98
C ALA A 457 6.27 -2.86 3.04
N MET A 458 6.18 -3.23 1.78
CA MET A 458 7.14 -2.76 0.77
C MET A 458 7.19 -1.24 0.70
N LYS A 459 6.03 -0.61 0.87
CA LYS A 459 5.95 0.85 0.90
C LYS A 459 6.84 1.43 1.99
N ASP A 460 7.01 0.69 3.08
CA ASP A 460 7.79 1.16 4.22
C ASP A 460 9.24 0.66 4.21
N LEU A 461 9.58 -0.17 3.22
CA LEU A 461 10.95 -0.65 3.12
C LEU A 461 11.81 0.42 2.46
N THR A 462 12.40 1.29 3.28
CA THR A 462 13.22 2.38 2.78
C THR A 462 14.65 2.23 3.26
N TYR A 463 15.56 2.88 2.55
CA TYR A 463 16.98 2.88 2.89
C TYR A 463 17.18 3.47 4.28
N ALA A 464 16.49 4.56 4.56
CA ALA A 464 16.60 5.25 5.85
C ALA A 464 16.22 4.33 7.00
N SER A 465 15.21 3.48 6.78
CA SER A 465 14.75 2.57 7.82
C SER A 465 15.76 1.45 8.08
N LEU A 466 16.73 1.31 7.18
CA LEU A 466 17.78 0.30 7.34
C LEU A 466 19.02 0.87 8.03
N CYS A 467 19.12 2.18 8.07
CA CYS A 467 20.20 2.84 8.79
C CYS A 467 19.81 2.94 10.27
N PHE A 468 20.50 2.16 11.10
CA PHE A 468 20.08 1.96 12.49
C PHE A 468 19.83 3.24 13.29
N PRO A 469 20.85 4.11 13.40
CA PRO A 469 20.71 5.33 14.21
C PRO A 469 19.54 6.17 13.71
N GLU A 470 19.40 6.24 12.39
CA GLU A 470 18.34 7.02 11.76
C GLU A 470 16.96 6.41 11.99
N ALA A 471 16.90 5.09 12.02
CA ALA A 471 15.65 4.37 12.23
C ALA A 471 15.16 4.54 13.67
N ILE A 472 16.09 4.46 14.62
CA ILE A 472 15.75 4.66 16.03
C ILE A 472 15.18 6.05 16.22
N LYS A 473 15.81 7.03 15.58
CA LYS A 473 15.44 8.43 15.68
C LYS A 473 14.06 8.71 15.12
N ALA A 474 13.76 8.08 13.98
CA ALA A 474 12.49 8.29 13.30
C ALA A 474 11.35 7.83 14.19
N ARG A 475 11.64 6.90 15.09
CA ARG A 475 10.63 6.38 16.01
C ARG A 475 10.67 7.14 17.34
N GLY A 476 11.45 8.21 17.37
CA GLY A 476 11.57 9.04 18.55
C GLY A 476 12.08 8.30 19.77
N MET A 477 12.84 7.22 19.53
CA MET A 477 13.28 6.35 20.62
C MET A 477 14.76 6.53 20.96
N GLU A 478 15.37 7.58 20.43
CA GLU A 478 16.83 7.73 20.51
C GLU A 478 17.34 8.13 21.89
N SER A 479 16.58 8.95 22.60
CA SER A 479 17.02 9.48 23.89
C SER A 479 17.31 8.39 24.91
N LYS A 480 18.56 8.31 25.33
CA LYS A 480 18.99 7.33 26.31
C LYS A 480 18.48 7.70 27.69
N GLU A 481 18.20 8.98 27.89
CA GLU A 481 17.88 9.46 29.22
C GLU A 481 16.36 9.56 29.45
N ASP A 482 15.60 9.68 28.35
CA ASP A 482 14.15 9.61 28.45
C ASP A 482 13.70 8.14 28.39
N ILE A 483 14.51 7.29 27.78
CA ILE A 483 14.20 5.87 27.68
C ILE A 483 15.44 5.03 27.93
N PRO A 484 15.83 4.89 29.21
CA PRO A 484 17.09 4.28 29.62
C PRO A 484 17.16 2.77 29.44
N TYR A 485 16.01 2.09 29.39
CA TYR A 485 16.00 0.63 29.39
C TYR A 485 15.68 0.02 28.02
N TYR A 486 16.19 0.67 26.97
CA TYR A 486 16.03 0.16 25.61
C TYR A 486 17.36 -0.46 25.19
N PHE A 487 17.53 -1.74 25.50
CA PHE A 487 18.82 -2.40 25.36
C PHE A 487 19.14 -2.79 23.92
N TYR A 488 18.10 -3.02 23.12
CA TYR A 488 18.26 -3.29 21.70
C TYR A 488 18.86 -2.09 21.00
N ARG A 489 18.39 -0.90 21.39
CA ARG A 489 18.92 0.34 20.85
C ARG A 489 20.38 0.53 21.27
N ASP A 490 20.64 0.44 22.57
CA ASP A 490 21.98 0.67 23.11
C ASP A 490 23.04 -0.22 22.46
N ASP A 491 22.80 -1.53 22.48
CA ASP A 491 23.71 -2.49 21.89
C ASP A 491 23.75 -2.34 20.37
N GLY A 492 22.58 -2.14 19.77
CA GLY A 492 22.50 -1.93 18.33
C GLY A 492 23.40 -0.80 17.86
N LEU A 493 23.37 0.31 18.58
CA LEU A 493 24.19 1.47 18.23
C LEU A 493 25.67 1.18 18.36
N LEU A 494 26.06 0.44 19.39
CA LEU A 494 27.46 0.08 19.57
C LEU A 494 27.95 -0.77 18.39
N VAL A 495 27.21 -1.81 18.05
CA VAL A 495 27.62 -2.70 16.95
C VAL A 495 27.59 -1.98 15.61
N TRP A 496 26.59 -1.14 15.41
CA TRP A 496 26.48 -0.39 14.16
C TRP A 496 27.69 0.52 14.00
N GLU A 497 28.12 1.13 15.11
CA GLU A 497 29.25 2.03 15.07
C GLU A 497 30.56 1.28 14.76
N ALA A 498 30.70 0.08 15.29
CA ALA A 498 31.89 -0.72 15.04
C ALA A 498 32.01 -1.13 13.57
N ILE A 499 30.88 -1.53 12.98
CA ILE A 499 30.85 -1.91 11.57
C ILE A 499 31.10 -0.67 10.69
N ARG A 500 30.54 0.46 11.09
CA ARG A 500 30.74 1.72 10.39
C ARG A 500 32.23 2.10 10.37
N THR A 501 32.91 1.91 11.49
CA THR A 501 34.34 2.20 11.58
C THR A 501 35.13 1.25 10.70
N PHE A 502 34.73 -0.01 10.69
CA PHE A 502 35.43 -1.06 9.95
C PHE A 502 35.30 -0.89 8.44
N THR A 503 34.08 -0.63 7.98
CA THR A 503 33.83 -0.44 6.55
C THR A 503 34.53 0.83 6.05
N ALA A 504 34.44 1.89 6.83
CA ALA A 504 35.09 3.15 6.48
C ALA A 504 36.59 2.99 6.26
N GLU A 505 37.25 2.21 7.12
CA GLU A 505 38.69 1.97 6.99
C GLU A 505 38.99 1.21 5.71
N VAL A 506 38.19 0.20 5.43
CA VAL A 506 38.36 -0.60 4.23
C VAL A 506 38.16 0.26 2.98
N VAL A 507 37.17 1.15 3.03
CA VAL A 507 36.91 2.06 1.92
C VAL A 507 38.09 3.01 1.68
N ASP A 508 38.61 3.59 2.76
CA ASP A 508 39.70 4.55 2.66
C ASP A 508 40.98 3.92 2.12
N ILE A 509 41.13 2.62 2.38
CA ILE A 509 42.30 1.90 1.91
C ILE A 509 42.29 1.72 0.40
N TYR A 510 41.12 1.49 -0.16
CA TYR A 510 41.02 1.16 -1.58
C TYR A 510 40.53 2.33 -2.44
N TYR A 511 39.85 3.28 -1.81
CA TYR A 511 39.37 4.47 -2.50
C TYR A 511 40.10 5.71 -2.00
N GLU A 512 40.95 6.28 -2.86
CA GLU A 512 41.79 7.42 -2.48
C GLU A 512 40.95 8.65 -2.15
N GLY A 513 39.79 8.76 -2.78
CA GLY A 513 38.91 9.90 -2.56
C GLY A 513 37.53 9.68 -3.16
N ASP A 514 36.65 10.65 -2.97
CA ASP A 514 35.27 10.54 -3.44
C ASP A 514 35.19 10.27 -4.93
N GLN A 515 36.09 10.89 -5.69
CA GLN A 515 36.10 10.78 -7.15
C GLN A 515 36.28 9.34 -7.60
N VAL A 516 37.10 8.59 -6.87
CA VAL A 516 37.33 7.19 -7.19
C VAL A 516 36.08 6.35 -6.95
N VAL A 517 35.33 6.69 -5.91
CA VAL A 517 34.07 6.00 -5.63
C VAL A 517 33.10 6.19 -6.78
N GLU A 518 32.86 7.44 -7.13
CA GLU A 518 31.90 7.80 -8.17
C GLU A 518 32.24 7.19 -9.52
N GLU A 519 33.53 7.07 -9.82
CA GLU A 519 33.96 6.59 -11.12
C GLU A 519 34.15 5.06 -11.18
N ASP A 520 33.90 4.39 -10.05
CA ASP A 520 33.96 2.94 -10.02
C ASP A 520 32.71 2.38 -10.66
N PRO A 521 32.83 1.85 -11.89
CA PRO A 521 31.68 1.40 -12.68
C PRO A 521 31.00 0.15 -12.12
N GLU A 522 31.76 -0.73 -11.49
CA GLU A 522 31.19 -1.95 -10.95
C GLU A 522 30.42 -1.69 -9.67
N LEU A 523 30.93 -0.77 -8.85
CA LEU A 523 30.23 -0.30 -7.66
C LEU A 523 28.92 0.38 -8.04
N GLN A 524 28.95 1.18 -9.10
CA GLN A 524 27.77 1.89 -9.58
C GLN A 524 26.70 0.94 -10.10
N ASP A 525 27.11 -0.08 -10.84
CA ASP A 525 26.17 -1.10 -11.32
C ASP A 525 25.63 -1.94 -10.17
N PHE A 526 26.48 -2.19 -9.18
CA PHE A 526 26.07 -2.92 -7.98
C PHE A 526 24.93 -2.19 -7.29
N VAL A 527 25.17 -0.92 -6.97
CA VAL A 527 24.17 -0.06 -6.36
C VAL A 527 22.92 0.02 -7.22
N ASN A 528 23.11 0.14 -8.53
CA ASN A 528 22.00 0.27 -9.47
C ASN A 528 21.15 -1.00 -9.57
N ASP A 529 21.80 -2.16 -9.52
CA ASP A 529 21.08 -3.43 -9.53
C ASP A 529 20.18 -3.56 -8.30
N VAL A 530 20.67 -3.10 -7.16
CA VAL A 530 19.89 -3.13 -5.92
C VAL A 530 18.66 -2.23 -6.05
N TYR A 531 18.87 -1.02 -6.55
CA TYR A 531 17.80 -0.03 -6.67
C TYR A 531 16.76 -0.44 -7.70
N VAL A 532 17.22 -0.79 -8.89
CA VAL A 532 16.31 -1.07 -10.01
C VAL A 532 15.63 -2.43 -9.92
N TYR A 533 16.38 -3.46 -9.55
CA TYR A 533 15.84 -4.82 -9.53
C TYR A 533 15.38 -5.24 -8.14
N GLY A 534 16.30 -5.25 -7.18
CA GLY A 534 15.95 -5.62 -5.82
C GLY A 534 14.74 -4.84 -5.31
N MET A 535 14.83 -3.51 -5.37
CA MET A 535 13.78 -2.65 -4.85
C MET A 535 12.81 -2.19 -5.93
N ARG A 536 12.88 -2.82 -7.10
CA ARG A 536 11.88 -2.64 -8.15
C ARG A 536 11.84 -1.23 -8.71
N GLY A 537 12.92 -0.48 -8.52
CA GLY A 537 13.02 0.88 -9.03
C GLY A 537 12.02 1.84 -8.40
N ARG A 538 11.49 1.48 -7.23
CA ARG A 538 10.54 2.34 -6.52
C ARG A 538 11.24 3.56 -5.95
N LYS A 539 10.85 4.73 -6.42
CA LYS A 539 11.49 5.98 -6.02
C LYS A 539 11.34 6.27 -4.52
N SER A 540 10.23 5.85 -3.94
CA SER A 540 9.97 6.12 -2.53
C SER A 540 10.86 5.30 -1.60
N SER A 541 11.48 4.25 -2.13
CA SER A 541 12.35 3.38 -1.33
C SER A 541 13.54 4.14 -0.75
N GLY A 542 13.94 5.23 -1.41
CA GLY A 542 15.03 6.05 -0.91
C GLY A 542 16.42 5.47 -1.10
N PHE A 543 16.50 4.30 -1.74
CA PHE A 543 17.79 3.71 -2.04
C PHE A 543 18.56 4.57 -3.04
N PRO A 544 19.88 4.67 -2.86
CA PRO A 544 20.71 5.43 -3.79
C PRO A 544 20.72 4.80 -5.19
N LYS A 545 20.61 5.63 -6.22
CA LYS A 545 20.75 5.18 -7.60
C LYS A 545 22.24 5.04 -7.90
N SER A 546 23.04 5.77 -7.15
CA SER A 546 24.50 5.74 -7.27
C SER A 546 25.13 6.21 -5.96
N VAL A 547 26.42 5.90 -5.79
CA VAL A 547 27.16 6.34 -4.61
C VAL A 547 28.31 7.23 -5.04
N LYS A 548 28.34 8.45 -4.51
CA LYS A 548 29.26 9.48 -5.01
C LYS A 548 30.35 9.87 -4.03
N SER A 549 30.40 9.24 -2.87
CA SER A 549 31.41 9.59 -1.88
C SER A 549 31.79 8.41 -1.00
N ARG A 550 32.95 8.51 -0.36
CA ARG A 550 33.43 7.45 0.52
C ARG A 550 32.56 7.27 1.76
N GLU A 551 32.05 8.38 2.30
CA GLU A 551 31.16 8.32 3.45
C GLU A 551 29.86 7.60 3.08
N GLN A 552 29.28 7.99 1.95
CA GLN A 552 28.06 7.36 1.47
C GLN A 552 28.28 5.87 1.24
N LEU A 553 29.44 5.52 0.71
CA LEU A 553 29.78 4.11 0.48
C LEU A 553 29.92 3.36 1.81
N SER A 554 30.63 3.97 2.76
CA SER A 554 30.81 3.37 4.08
C SER A 554 29.47 3.07 4.73
N GLU A 555 28.55 4.03 4.65
CA GLU A 555 27.22 3.88 5.25
C GLU A 555 26.45 2.75 4.57
N TYR A 556 26.53 2.70 3.24
CA TYR A 556 25.83 1.70 2.45
C TYR A 556 26.32 0.30 2.78
N LEU A 557 27.63 0.12 2.88
CA LEU A 557 28.21 -1.18 3.21
C LEU A 557 27.83 -1.59 4.64
N THR A 558 27.76 -0.60 5.53
CA THR A 558 27.35 -0.84 6.90
C THR A 558 25.91 -1.35 6.95
N VAL A 559 25.04 -0.75 6.14
CA VAL A 559 23.66 -1.20 6.02
C VAL A 559 23.60 -2.68 5.66
N VAL A 560 24.40 -3.08 4.69
CA VAL A 560 24.39 -4.46 4.22
C VAL A 560 24.87 -5.44 5.29
N ILE A 561 26.02 -5.13 5.89
CA ILE A 561 26.60 -6.02 6.88
C ILE A 561 25.76 -6.06 8.17
N PHE A 562 25.37 -4.89 8.67
CA PHE A 562 24.57 -4.82 9.90
C PHE A 562 23.26 -5.59 9.78
N THR A 563 22.59 -5.43 8.64
CA THR A 563 21.32 -6.12 8.39
C THR A 563 21.47 -7.64 8.40
N ALA A 564 22.52 -8.13 7.75
CA ALA A 564 22.73 -9.57 7.61
C ALA A 564 23.22 -10.20 8.90
N SER A 565 23.91 -9.41 9.73
CA SER A 565 24.50 -9.96 10.95
C SER A 565 23.74 -9.51 12.21
N ALA A 566 24.03 -8.30 12.68
CA ALA A 566 23.48 -7.82 13.95
C ALA A 566 21.95 -7.76 13.96
N GLN A 567 21.36 -7.10 12.96
CA GLN A 567 19.91 -6.96 12.92
C GLN A 567 19.24 -8.33 12.88
N HIS A 568 19.75 -9.22 12.05
CA HIS A 568 19.17 -10.55 11.95
C HIS A 568 19.25 -11.32 13.27
N ALA A 569 20.40 -11.26 13.93
CA ALA A 569 20.59 -11.93 15.21
C ALA A 569 19.57 -11.46 16.25
N ALA A 570 19.35 -10.15 16.29
CA ALA A 570 18.47 -9.55 17.29
C ALA A 570 17.01 -9.99 17.13
N VAL A 571 16.56 -10.10 15.89
CA VAL A 571 15.16 -10.40 15.61
C VAL A 571 14.94 -11.89 15.39
N ASN A 572 16.00 -12.67 15.51
CA ASN A 572 15.91 -14.10 15.23
C ASN A 572 16.15 -14.96 16.46
N PHE A 573 17.17 -14.63 17.25
CA PHE A 573 17.62 -15.52 18.31
C PHE A 573 16.89 -15.34 19.63
N GLY A 574 15.92 -14.43 19.65
CA GLY A 574 15.04 -14.28 20.78
C GLY A 574 13.75 -15.04 20.57
N GLN A 575 13.64 -15.67 19.41
CA GLN A 575 12.42 -16.39 19.03
C GLN A 575 12.03 -17.49 20.02
N TYR A 576 13.00 -18.24 20.53
CA TYR A 576 12.67 -19.32 21.44
C TYR A 576 12.47 -18.83 22.86
N ASP A 577 13.27 -17.86 23.27
CA ASP A 577 13.13 -17.26 24.59
C ASP A 577 11.70 -16.77 24.81
N TRP A 578 11.17 -16.07 23.81
CA TRP A 578 9.92 -15.35 23.98
C TRP A 578 8.71 -15.99 23.31
N ALA A 579 8.94 -16.96 22.43
CA ALA A 579 7.85 -17.56 21.68
C ALA A 579 7.57 -19.02 22.03
N SER A 580 8.43 -19.62 22.85
CA SER A 580 8.25 -21.02 23.22
C SER A 580 7.03 -21.20 24.11
N TRP A 581 6.78 -20.24 24.98
CA TRP A 581 5.53 -20.23 25.74
C TRP A 581 4.44 -19.64 24.86
N ILE A 582 3.67 -20.51 24.21
CA ILE A 582 2.76 -20.12 23.15
C ILE A 582 1.81 -18.95 23.48
N PRO A 583 1.22 -18.97 24.68
CA PRO A 583 0.29 -17.90 25.07
C PRO A 583 0.89 -16.49 24.91
N ASN A 584 2.22 -16.38 24.97
CA ASN A 584 2.88 -15.09 24.79
C ASN A 584 3.18 -14.81 23.32
N ALA A 585 2.95 -15.78 22.46
CA ALA A 585 3.22 -15.63 21.03
C ALA A 585 2.40 -16.62 20.21
N PRO A 586 1.08 -16.47 20.21
CA PRO A 586 0.18 -17.39 19.50
C PRO A 586 0.39 -17.28 17.99
N PRO A 587 0.81 -18.38 17.34
CA PRO A 587 0.98 -18.42 15.89
C PRO A 587 -0.37 -18.38 15.16
N THR A 588 -1.43 -18.74 15.86
CA THR A 588 -2.77 -18.65 15.29
C THR A 588 -3.79 -18.29 16.36
N MET A 589 -4.93 -17.75 15.94
CA MET A 589 -6.05 -17.47 16.82
C MET A 589 -7.30 -18.09 16.21
N ARG A 590 -8.04 -18.85 17.02
CA ARG A 590 -9.14 -19.66 16.50
C ARG A 590 -10.52 -19.06 16.77
N ALA A 591 -10.54 -17.84 17.28
CA ALA A 591 -11.79 -17.13 17.50
C ALA A 591 -11.58 -15.65 17.26
N PRO A 592 -12.66 -14.94 16.89
CA PRO A 592 -12.59 -13.50 16.60
C PRO A 592 -12.32 -12.70 17.85
N PRO A 593 -11.77 -11.49 17.71
CA PRO A 593 -11.54 -10.63 18.87
C PRO A 593 -12.84 -10.35 19.63
N PRO A 594 -12.76 -10.22 20.96
CA PRO A 594 -13.93 -9.86 21.77
C PRO A 594 -14.46 -8.49 21.36
N THR A 595 -15.78 -8.37 21.23
CA THR A 595 -16.39 -7.11 20.78
C THR A 595 -17.15 -6.39 21.89
N ALA A 596 -17.06 -6.91 23.11
CA ALA A 596 -17.72 -6.30 24.25
C ALA A 596 -16.94 -6.54 25.54
N LYS A 597 -17.14 -5.66 26.51
CA LYS A 597 -16.48 -5.80 27.81
C LYS A 597 -17.34 -6.61 28.77
N GLY A 598 -16.67 -7.37 29.64
CA GLY A 598 -17.34 -8.09 30.71
C GLY A 598 -17.87 -9.47 30.36
N VAL A 599 -17.76 -9.86 29.09
CA VAL A 599 -18.29 -11.14 28.64
C VAL A 599 -17.22 -12.23 28.51
N VAL A 600 -15.96 -11.84 28.57
CA VAL A 600 -14.86 -12.78 28.35
C VAL A 600 -14.62 -13.72 29.52
N THR A 601 -14.46 -15.00 29.21
CA THR A 601 -14.19 -16.02 30.22
C THR A 601 -12.93 -16.81 29.86
N ILE A 602 -12.40 -17.54 30.82
CA ILE A 602 -11.22 -18.35 30.60
C ILE A 602 -11.47 -19.38 29.49
N GLU A 603 -12.73 -19.75 29.30
CA GLU A 603 -13.09 -20.69 28.25
C GLU A 603 -12.86 -20.08 26.87
N GLN A 604 -13.26 -18.82 26.70
CA GLN A 604 -13.10 -18.14 25.43
C GLN A 604 -11.62 -17.95 25.10
N ILE A 605 -10.81 -17.72 26.12
CA ILE A 605 -9.38 -17.54 25.95
C ILE A 605 -8.71 -18.82 25.49
N VAL A 606 -9.09 -19.94 26.10
CA VAL A 606 -8.56 -21.23 25.72
C VAL A 606 -9.04 -21.62 24.33
N ASP A 607 -10.22 -21.15 23.96
CA ASP A 607 -10.78 -21.45 22.65
C ASP A 607 -10.16 -20.58 21.55
N THR A 608 -9.67 -19.40 21.95
CA THR A 608 -9.01 -18.50 21.01
C THR A 608 -7.58 -18.98 20.73
N LEU A 609 -6.86 -19.32 21.80
CA LEU A 609 -5.51 -19.83 21.68
C LEU A 609 -5.47 -21.12 20.88
N PRO A 610 -4.31 -21.41 20.26
CA PRO A 610 -4.11 -22.64 19.48
C PRO A 610 -4.36 -23.87 20.34
N ASP A 611 -4.74 -24.97 19.71
CA ASP A 611 -4.95 -26.22 20.42
C ASP A 611 -3.71 -26.62 21.21
N ARG A 612 -3.91 -27.08 22.44
CA ARG A 612 -2.83 -27.48 23.32
C ARG A 612 -1.88 -28.49 22.67
N GLY A 613 -2.44 -29.39 21.87
CA GLY A 613 -1.66 -30.41 21.20
C GLY A 613 -0.93 -29.86 19.98
N ARG A 614 -1.64 -29.04 19.22
CA ARG A 614 -1.08 -28.43 18.03
C ARG A 614 0.11 -27.56 18.43
N SER A 615 0.01 -26.98 19.61
CA SER A 615 1.04 -26.09 20.15
C SER A 615 2.37 -26.81 20.33
N CYS A 616 2.33 -28.14 20.50
CA CYS A 616 3.56 -28.90 20.67
C CYS A 616 4.43 -28.71 19.45
N TRP A 617 3.80 -28.69 18.28
CA TRP A 617 4.51 -28.46 17.03
C TRP A 617 5.08 -27.05 16.87
N HIS A 618 4.36 -26.05 17.36
CA HIS A 618 4.86 -24.68 17.34
C HIS A 618 6.03 -24.55 18.30
N LEU A 619 5.92 -25.22 19.44
CA LEU A 619 6.97 -25.26 20.42
C LEU A 619 8.18 -26.00 19.86
N GLY A 620 7.93 -27.19 19.32
CA GLY A 620 8.98 -28.01 18.75
C GLY A 620 9.80 -27.25 17.73
N ALA A 621 9.11 -26.54 16.84
CA ALA A 621 9.78 -25.75 15.82
C ALA A 621 10.77 -24.78 16.44
N VAL A 622 10.26 -23.95 17.35
CA VAL A 622 11.08 -22.93 17.99
C VAL A 622 12.27 -23.53 18.74
N TRP A 623 12.06 -24.69 19.36
CA TRP A 623 13.09 -25.33 20.16
C TRP A 623 14.12 -26.08 19.31
N ALA A 624 13.65 -26.80 18.30
CA ALA A 624 14.55 -27.48 17.39
C ALA A 624 15.50 -26.46 16.79
N LEU A 625 14.95 -25.33 16.34
CA LEU A 625 15.76 -24.25 15.80
C LEU A 625 16.77 -23.78 16.85
N SER A 626 16.35 -23.77 18.11
CA SER A 626 17.25 -23.43 19.22
C SER A 626 18.53 -24.25 19.12
N GLN A 627 18.37 -25.54 18.81
CA GLN A 627 19.50 -26.43 18.59
C GLN A 627 20.19 -26.12 17.27
N PHE A 628 21.46 -25.75 17.35
CA PHE A 628 22.25 -25.43 16.16
C PHE A 628 23.69 -25.10 16.55
N GLU A 632 29.50 -22.33 13.79
CA GLU A 632 29.01 -21.03 13.33
C GLU A 632 30.12 -20.01 13.27
N LEU A 633 30.14 -19.21 12.20
CA LEU A 633 31.08 -18.10 12.10
C LEU A 633 30.45 -16.83 12.64
N PHE A 634 31.08 -16.23 13.63
CA PHE A 634 30.54 -15.04 14.27
C PHE A 634 31.15 -13.74 13.75
N LEU A 635 30.53 -12.63 14.12
CA LEU A 635 30.89 -11.32 13.59
C LEU A 635 32.38 -11.02 13.76
N GLY A 636 33.06 -10.80 12.64
CA GLY A 636 34.48 -10.48 12.67
C GLY A 636 35.36 -11.68 12.34
N MET A 637 34.77 -12.87 12.35
CA MET A 637 35.49 -14.08 11.99
C MET A 637 35.51 -14.26 10.48
N TYR A 638 36.70 -14.21 9.89
CA TYR A 638 36.84 -14.36 8.45
C TYR A 638 37.89 -15.40 8.08
N PRO A 639 37.61 -16.68 8.39
CA PRO A 639 38.52 -17.79 8.08
C PRO A 639 38.81 -17.92 6.58
N GLU A 640 37.83 -17.53 5.76
CA GLU A 640 38.03 -17.53 4.31
C GLU A 640 38.68 -16.22 3.89
N GLU A 641 39.95 -16.30 3.52
CA GLU A 641 40.76 -15.10 3.32
C GLU A 641 40.76 -14.61 1.87
N HIS A 642 39.73 -13.85 1.53
CA HIS A 642 39.69 -13.16 0.24
C HIS A 642 40.65 -11.98 0.26
N PHE A 643 40.69 -11.28 1.40
CA PHE A 643 41.69 -10.24 1.61
C PHE A 643 42.98 -10.89 2.09
N ILE A 644 44.10 -10.51 1.48
CA ILE A 644 45.40 -11.07 1.86
C ILE A 644 46.39 -9.96 2.19
N GLU A 645 45.95 -8.71 2.05
CA GLU A 645 46.84 -7.57 2.22
C GLU A 645 46.90 -7.08 3.65
N LYS A 646 48.08 -6.62 4.05
CA LYS A 646 48.37 -6.24 5.43
C LYS A 646 47.46 -5.15 5.99
N PRO A 647 47.25 -4.07 5.24
CA PRO A 647 46.42 -2.94 5.70
C PRO A 647 44.99 -3.35 6.07
N VAL A 648 44.33 -4.11 5.21
CA VAL A 648 42.96 -4.53 5.49
C VAL A 648 42.91 -5.62 6.56
N LYS A 649 43.97 -6.42 6.64
CA LYS A 649 44.07 -7.40 7.71
C LYS A 649 44.18 -6.72 9.07
N GLU A 650 44.79 -5.53 9.08
CA GLU A 650 44.94 -4.76 10.30
C GLU A 650 43.62 -4.10 10.70
N ALA A 651 42.84 -3.72 9.70
CA ALA A 651 41.51 -3.15 9.93
C ALA A 651 40.59 -4.22 10.52
N MET A 652 40.66 -5.42 9.95
CA MET A 652 39.89 -6.55 10.46
C MET A 652 40.21 -6.81 11.92
N ALA A 653 41.50 -6.78 12.25
CA ALA A 653 41.94 -6.99 13.62
C ALA A 653 41.38 -5.90 14.56
N ARG A 654 41.40 -4.65 14.11
CA ARG A 654 40.86 -3.56 14.90
C ARG A 654 39.36 -3.70 15.09
N PHE A 655 38.71 -4.27 14.08
CA PHE A 655 37.29 -4.55 14.12
C PHE A 655 36.99 -5.53 15.25
N ARG A 656 37.77 -6.60 15.32
CA ARG A 656 37.57 -7.62 16.35
C ARG A 656 37.84 -7.09 17.77
N LYS A 657 38.79 -6.17 17.89
CA LYS A 657 39.09 -5.56 19.19
C LYS A 657 37.96 -4.64 19.65
N ASN A 658 37.38 -3.91 18.70
CA ASN A 658 36.25 -3.06 19.00
C ASN A 658 35.03 -3.88 19.42
N LEU A 659 34.89 -5.06 18.81
CA LEU A 659 33.80 -5.96 19.15
C LEU A 659 33.97 -6.53 20.56
N GLU A 660 35.19 -6.96 20.87
CA GLU A 660 35.48 -7.49 22.21
C GLU A 660 35.16 -6.46 23.29
N ALA A 661 35.47 -5.19 23.01
CA ALA A 661 35.15 -4.11 23.93
C ALA A 661 33.65 -4.01 24.15
N ILE A 662 32.88 -4.17 23.08
CA ILE A 662 31.43 -4.15 23.19
C ILE A 662 30.92 -5.37 23.97
N VAL A 663 31.61 -6.49 23.84
CA VAL A 663 31.23 -7.70 24.56
C VAL A 663 31.32 -7.48 26.06
N SER A 664 32.39 -6.81 26.49
CA SER A 664 32.60 -6.51 27.91
C SER A 664 31.58 -5.48 28.40
N VAL A 665 31.32 -4.46 27.58
CA VAL A 665 30.33 -3.45 27.91
C VAL A 665 28.98 -4.10 28.19
N ILE A 666 28.58 -5.00 27.29
CA ILE A 666 27.29 -5.67 27.41
C ILE A 666 27.25 -6.64 28.59
N ALA A 667 28.31 -7.40 28.78
CA ALA A 667 28.38 -8.35 29.88
C ALA A 667 28.22 -7.64 31.22
N GLU A 668 28.92 -6.54 31.40
CA GLU A 668 28.85 -5.78 32.65
C GLU A 668 27.46 -5.22 32.84
N ARG A 669 26.81 -4.87 31.74
CA ARG A 669 25.46 -4.34 31.75
C ARG A 669 24.45 -5.42 32.16
N ASN A 670 24.63 -6.62 31.62
CA ASN A 670 23.70 -7.71 31.86
C ASN A 670 23.70 -8.25 33.30
N GLU A 671 24.79 -8.02 34.03
CA GLU A 671 24.86 -8.50 35.41
C GLU A 671 23.97 -7.68 36.36
N ASN A 672 23.69 -6.44 35.97
CA ASN A 672 22.82 -5.57 36.74
C ASN A 672 21.37 -5.65 36.28
N LEU A 673 21.10 -6.55 35.33
CA LEU A 673 19.75 -6.73 34.81
C LEU A 673 19.10 -8.01 35.34
N GLN A 674 17.81 -7.92 35.64
CA GLN A 674 17.05 -9.10 36.06
C GLN A 674 16.83 -10.03 34.87
N LEU A 675 16.71 -9.44 33.69
CA LEU A 675 16.55 -10.23 32.47
C LEU A 675 17.54 -9.77 31.42
N PRO A 676 18.73 -10.39 31.41
CA PRO A 676 19.83 -9.98 30.52
C PRO A 676 19.44 -10.01 29.05
N TYR A 677 19.99 -9.08 28.29
CA TYR A 677 19.78 -8.99 26.85
C TYR A 677 21.10 -9.37 26.18
N TYR A 678 21.15 -10.56 25.59
N TYR A 678 21.14 -10.58 25.60
CA TYR A 678 22.39 -11.07 25.02
CA TYR A 678 22.36 -11.13 25.02
C TYR A 678 22.36 -11.25 23.50
C TYR A 678 22.40 -11.07 23.49
N TYR A 679 21.24 -10.87 22.87
CA TYR A 679 21.09 -11.03 21.43
C TYR A 679 22.13 -10.27 20.58
N LEU A 680 22.51 -9.07 21.02
CA LEU A 680 23.46 -8.27 20.26
C LEU A 680 24.88 -8.31 20.83
N ASP A 681 25.15 -9.34 21.65
CA ASP A 681 26.52 -9.61 22.08
C ASP A 681 27.28 -10.16 20.87
N PRO A 682 28.27 -9.39 20.38
CA PRO A 682 29.01 -9.73 19.17
C PRO A 682 29.52 -11.18 19.15
N ASP A 683 29.78 -11.74 20.33
CA ASP A 683 30.18 -13.14 20.44
C ASP A 683 29.10 -14.09 19.94
N ARG A 684 27.88 -13.59 19.84
CA ARG A 684 26.74 -14.43 19.46
C ARG A 684 26.14 -13.99 18.12
N ILE A 685 26.70 -12.95 17.53
CA ILE A 685 26.21 -12.46 16.26
C ILE A 685 26.92 -13.15 15.10
N PRO A 686 26.18 -13.98 14.35
CA PRO A 686 26.69 -14.64 13.14
C PRO A 686 26.99 -13.61 12.04
N ASN A 687 27.86 -13.96 11.11
CA ASN A 687 28.21 -13.10 9.98
C ASN A 687 27.06 -12.86 9.02
N SER A 688 26.17 -13.84 8.90
CA SER A 688 25.07 -13.76 7.94
C SER A 688 23.80 -14.41 8.47
N VAL A 689 22.74 -14.37 7.66
CA VAL A 689 21.45 -14.93 8.05
C VAL A 689 21.50 -16.44 8.22
N ALA A 690 22.56 -17.06 7.71
CA ALA A 690 22.76 -18.51 7.82
C ALA A 690 21.47 -19.26 8.11
N HIS B 5 -63.74 19.15 7.86
CA HIS B 5 -63.80 20.49 7.30
C HIS B 5 -63.72 20.46 5.78
N HIS B 6 -63.43 21.61 5.19
CA HIS B 6 -63.31 21.71 3.73
C HIS B 6 -61.95 21.24 3.23
N HIS B 7 -61.98 20.15 2.47
CA HIS B 7 -60.76 19.56 1.91
C HIS B 7 -60.72 19.78 0.40
N HIS B 8 -59.63 20.40 -0.07
CA HIS B 8 -59.53 20.78 -1.47
C HIS B 8 -58.24 20.29 -2.14
N HIS B 9 -58.40 19.41 -3.12
CA HIS B 9 -57.28 18.83 -3.86
C HIS B 9 -57.01 19.58 -5.16
N HIS B 10 -55.77 19.99 -5.36
CA HIS B 10 -55.41 20.76 -6.55
C HIS B 10 -55.06 19.84 -7.70
N SER B 23 -58.42 28.65 12.53
CA SER B 23 -58.39 27.65 11.47
C SER B 23 -57.06 27.65 10.72
N TYR B 24 -56.43 26.49 10.62
CA TYR B 24 -55.21 26.33 9.85
C TYR B 24 -55.51 25.72 8.49
N THR B 25 -54.80 26.15 7.47
CA THR B 25 -54.89 25.53 6.16
C THR B 25 -53.61 24.74 5.89
N VAL B 26 -53.73 23.42 5.84
CA VAL B 26 -52.57 22.57 5.66
C VAL B 26 -52.50 22.01 4.25
N THR B 27 -51.37 22.22 3.60
CA THR B 27 -51.17 21.74 2.24
C THR B 27 -50.14 20.63 2.22
N VAL B 28 -50.52 19.50 1.62
CA VAL B 28 -49.67 18.32 1.57
C VAL B 28 -49.38 17.94 0.13
N ALA B 29 -48.10 18.01 -0.25
CA ALA B 29 -47.70 17.67 -1.61
C ALA B 29 -47.08 16.28 -1.66
N THR B 30 -47.66 15.42 -2.49
CA THR B 30 -47.17 14.06 -2.67
C THR B 30 -46.22 13.98 -3.85
N GLY B 31 -45.16 13.20 -3.69
CA GLY B 31 -44.17 13.04 -4.73
C GLY B 31 -44.78 12.62 -6.06
N SER B 32 -44.02 12.77 -7.14
CA SER B 32 -44.51 12.40 -8.45
C SER B 32 -43.87 11.10 -8.96
N GLN B 33 -43.01 10.50 -8.14
CA GLN B 33 -42.43 9.21 -8.48
C GLN B 33 -43.52 8.17 -8.65
N GLU B 34 -43.22 7.11 -9.39
CA GLU B 34 -44.23 6.12 -9.74
C GLU B 34 -45.04 5.60 -8.55
N HIS B 35 -44.36 5.32 -7.43
CA HIS B 35 -45.03 4.73 -6.27
C HIS B 35 -45.24 5.72 -5.13
N ALA B 36 -45.18 7.00 -5.46
CA ALA B 36 -45.26 8.04 -4.43
C ALA B 36 -46.59 8.02 -3.68
N GLY B 37 -47.67 7.67 -4.37
CA GLY B 37 -49.00 7.66 -3.78
C GLY B 37 -49.18 6.60 -2.72
N THR B 38 -50.16 6.80 -1.85
CA THR B 38 -50.48 5.85 -0.79
C THR B 38 -51.98 5.85 -0.48
N ASP B 39 -52.48 4.71 -0.02
CA ASP B 39 -53.89 4.58 0.32
C ASP B 39 -54.08 4.42 1.82
N ASP B 40 -52.98 4.50 2.57
CA ASP B 40 -53.01 4.31 4.01
C ASP B 40 -53.58 5.51 4.75
N TYR B 41 -53.77 5.36 6.06
CA TYR B 41 -54.28 6.43 6.89
C TYR B 41 -53.15 7.40 7.26
N ILE B 42 -53.39 8.69 7.03
CA ILE B 42 -52.41 9.72 7.36
C ILE B 42 -52.94 10.62 8.47
N TYR B 43 -52.24 10.62 9.60
CA TYR B 43 -52.60 11.49 10.72
C TYR B 43 -51.60 12.65 10.79
N LEU B 44 -52.10 13.81 11.20
CA LEU B 44 -51.27 15.00 11.24
C LEU B 44 -51.57 15.84 12.49
N SER B 45 -50.50 16.30 13.15
CA SER B 45 -50.65 17.17 14.32
C SER B 45 -49.62 18.28 14.29
N LEU B 46 -49.99 19.43 14.85
CA LEU B 46 -49.11 20.58 14.87
C LEU B 46 -48.57 20.82 16.27
N VAL B 47 -47.28 21.12 16.37
CA VAL B 47 -46.68 21.44 17.65
C VAL B 47 -46.30 22.90 17.71
N GLY B 48 -47.00 23.67 18.54
CA GLY B 48 -46.69 25.07 18.71
C GLY B 48 -45.91 25.30 19.98
N SER B 49 -45.48 26.54 20.19
CA SER B 49 -44.74 26.88 21.39
C SER B 49 -45.64 26.88 22.62
N ALA B 50 -46.93 27.11 22.42
CA ALA B 50 -47.90 27.16 23.52
C ALA B 50 -48.64 25.85 23.72
N GLY B 51 -48.37 24.88 22.86
CA GLY B 51 -49.01 23.58 22.96
C GLY B 51 -49.14 22.88 21.62
N CYS B 52 -49.61 21.64 21.66
CA CYS B 52 -49.79 20.85 20.44
C CYS B 52 -51.26 20.82 20.04
N SER B 53 -51.52 20.32 18.84
CA SER B 53 -52.89 20.17 18.37
C SER B 53 -53.32 18.72 18.52
N GLU B 54 -54.59 18.45 18.24
CA GLU B 54 -55.08 17.08 18.23
C GLU B 54 -54.60 16.41 16.95
N LYS B 55 -54.47 15.09 16.99
CA LYS B 55 -54.17 14.35 15.77
C LYS B 55 -55.39 14.37 14.86
N HIS B 56 -55.17 14.79 13.61
CA HIS B 56 -56.26 14.86 12.64
C HIS B 56 -56.01 13.84 11.54
N LEU B 57 -56.98 12.95 11.34
CA LEU B 57 -56.92 12.05 10.21
C LEU B 57 -57.23 12.83 8.94
N LEU B 58 -56.27 12.87 8.02
CA LEU B 58 -56.48 13.55 6.75
C LEU B 58 -57.40 12.76 5.84
N ASP B 59 -57.81 13.38 4.73
CA ASP B 59 -58.77 12.76 3.82
C ASP B 59 -58.73 11.24 3.84
N LYS B 60 -59.86 10.62 4.19
CA LYS B 60 -59.97 9.17 4.26
C LYS B 60 -59.47 8.50 2.99
N GLY B 61 -59.67 9.17 1.86
CA GLY B 61 -59.23 8.66 0.58
C GLY B 61 -57.72 8.49 0.47
N SER B 62 -57.22 8.58 -0.76
CA SER B 62 -55.80 8.35 -1.01
C SER B 62 -55.07 9.59 -1.50
N PHE B 63 -53.79 9.69 -1.15
CA PHE B 63 -52.91 10.73 -1.69
C PHE B 63 -52.25 10.18 -2.95
N GLU B 64 -52.73 10.60 -4.11
CA GLU B 64 -52.24 10.06 -5.38
C GLU B 64 -50.95 10.73 -5.83
N ARG B 65 -50.24 10.05 -6.73
CA ARG B 65 -48.99 10.54 -7.30
C ARG B 65 -49.12 11.97 -7.83
N GLY B 66 -48.24 12.85 -7.38
CA GLY B 66 -48.20 14.22 -7.87
C GLY B 66 -49.36 15.08 -7.38
N ALA B 67 -50.09 14.57 -6.40
CA ALA B 67 -51.26 15.28 -5.88
C ALA B 67 -50.88 16.38 -4.89
N VAL B 68 -51.72 17.40 -4.80
CA VAL B 68 -51.58 18.44 -3.78
C VAL B 68 -52.89 18.57 -3.01
N ASP B 69 -52.88 18.15 -1.75
CA ASP B 69 -54.08 18.16 -0.93
C ASP B 69 -54.06 19.27 0.12
N SER B 70 -55.17 20.00 0.22
CA SER B 70 -55.31 21.02 1.24
C SER B 70 -56.42 20.67 2.23
N TYR B 71 -56.17 20.92 3.51
CA TYR B 71 -57.16 20.66 4.55
C TYR B 71 -57.31 21.87 5.45
N ASP B 72 -58.55 22.24 5.74
CA ASP B 72 -58.81 23.29 6.72
C ASP B 72 -58.87 22.65 8.11
N VAL B 73 -57.84 22.88 8.91
CA VAL B 73 -57.77 22.28 10.23
C VAL B 73 -58.05 23.27 11.35
N THR B 74 -59.08 22.99 12.13
CA THR B 74 -59.45 23.84 13.26
C THR B 74 -58.90 23.27 14.57
N VAL B 75 -58.18 24.10 15.32
CA VAL B 75 -57.59 23.67 16.58
C VAL B 75 -58.44 24.08 17.78
N ASP B 76 -58.51 23.21 18.78
CA ASP B 76 -59.34 23.44 19.95
C ASP B 76 -58.68 24.37 20.98
N GLU B 77 -57.48 24.84 20.66
CA GLU B 77 -56.78 25.81 21.50
C GLU B 77 -55.72 26.55 20.68
N GLU B 78 -55.23 27.67 21.21
CA GLU B 78 -54.22 28.45 20.51
C GLU B 78 -52.81 27.92 20.77
N LEU B 79 -52.16 27.48 19.71
CA LEU B 79 -50.88 26.78 19.82
C LEU B 79 -49.69 27.74 19.86
N GLY B 80 -49.88 28.96 19.37
CA GLY B 80 -48.80 29.92 19.28
C GLY B 80 -48.04 29.72 17.99
N GLU B 81 -46.75 30.04 18.01
CA GLU B 81 -45.91 29.87 16.84
C GLU B 81 -45.62 28.39 16.56
N ILE B 82 -45.93 27.93 15.36
CA ILE B 82 -45.74 26.53 15.00
C ILE B 82 -44.26 26.15 14.87
N GLN B 83 -43.83 25.17 15.66
CA GLN B 83 -42.45 24.74 15.66
C GLN B 83 -42.24 23.50 14.81
N LEU B 84 -43.16 22.55 14.94
CA LEU B 84 -43.00 21.25 14.30
C LEU B 84 -44.31 20.78 13.68
N VAL B 85 -44.19 19.91 12.69
CA VAL B 85 -45.34 19.20 12.16
C VAL B 85 -45.07 17.71 12.27
N ARG B 86 -45.99 16.98 12.89
CA ARG B 86 -45.86 15.54 13.05
C ARG B 86 -46.74 14.81 12.05
N ILE B 87 -46.17 13.79 11.41
CA ILE B 87 -46.92 12.99 10.47
C ILE B 87 -46.84 11.52 10.86
N GLU B 88 -48.00 10.88 10.93
CA GLU B 88 -48.04 9.46 11.23
C GLU B 88 -48.79 8.71 10.13
N LYS B 89 -48.31 7.51 9.83
CA LYS B 89 -48.91 6.69 8.79
C LYS B 89 -49.29 5.33 9.36
N ARG B 90 -50.52 4.91 9.14
CA ARG B 90 -50.99 3.63 9.63
C ARG B 90 -51.55 2.77 8.50
N LYS B 91 -51.24 1.48 8.54
CA LYS B 91 -51.61 0.54 7.50
C LYS B 91 -53.11 0.47 7.26
N TYR B 92 -53.53 0.70 6.02
CA TYR B 92 -54.88 0.36 5.59
C TYR B 92 -54.75 -0.70 4.50
N GLY B 93 -54.86 -1.97 4.87
CA GLY B 93 -54.56 -3.06 3.97
C GLY B 93 -53.11 -3.47 4.13
N SER B 94 -52.37 -3.52 3.02
CA SER B 94 -50.95 -3.89 3.07
C SER B 94 -50.01 -2.68 2.96
N ASN B 95 -48.70 -2.94 2.88
CA ASN B 95 -47.73 -1.86 2.92
C ASN B 95 -47.63 -1.02 1.64
N ASP B 96 -47.97 0.26 1.77
CA ASP B 96 -47.92 1.20 0.66
C ASP B 96 -47.15 2.46 1.03
N ASP B 97 -45.92 2.54 0.52
CA ASP B 97 -45.03 3.67 0.80
C ASP B 97 -45.59 4.98 0.25
N TRP B 98 -45.23 6.08 0.91
CA TRP B 98 -45.72 7.40 0.54
C TRP B 98 -44.56 8.38 0.47
N TYR B 99 -44.41 9.03 -0.67
CA TYR B 99 -43.38 10.06 -0.78
C TYR B 99 -43.97 11.44 -0.54
N LEU B 100 -43.57 12.04 0.58
CA LEU B 100 -44.03 13.37 0.93
C LEU B 100 -42.96 14.40 0.57
N LYS B 101 -43.31 15.32 -0.32
CA LYS B 101 -42.38 16.36 -0.75
C LYS B 101 -42.28 17.46 0.31
N TYR B 102 -43.41 17.99 0.73
CA TYR B 102 -43.40 19.08 1.71
C TYR B 102 -44.80 19.37 2.26
N ILE B 103 -44.83 20.20 3.29
CA ILE B 103 -46.09 20.64 3.88
C ILE B 103 -46.03 22.15 4.11
N THR B 104 -47.12 22.83 3.79
CA THR B 104 -47.21 24.26 4.09
C THR B 104 -48.38 24.54 5.02
N LEU B 105 -48.25 25.62 5.77
CA LEU B 105 -49.28 26.02 6.73
C LEU B 105 -49.69 27.46 6.53
N LYS B 106 -50.99 27.70 6.49
CA LYS B 106 -51.52 29.05 6.56
C LYS B 106 -52.16 29.22 7.92
N THR B 107 -51.49 29.96 8.80
CA THR B 107 -51.96 30.14 10.17
C THR B 107 -53.01 31.23 10.27
N PRO B 108 -53.89 31.13 11.28
CA PRO B 108 -54.94 32.12 11.53
C PRO B 108 -54.38 33.54 11.54
N HIS B 109 -53.22 33.72 12.18
CA HIS B 109 -52.58 35.02 12.22
C HIS B 109 -52.12 35.47 10.85
N GLY B 110 -52.21 34.58 9.87
CA GLY B 110 -51.92 34.92 8.49
C GLY B 110 -50.49 34.61 8.07
N ASP B 111 -49.81 33.77 8.83
CA ASP B 111 -48.45 33.38 8.48
C ASP B 111 -48.43 32.17 7.54
N TYR B 112 -47.53 32.20 6.56
CA TYR B 112 -47.33 31.08 5.65
C TYR B 112 -46.02 30.37 5.98
N ILE B 113 -46.11 29.10 6.35
CA ILE B 113 -44.94 28.34 6.78
C ILE B 113 -44.74 27.09 5.93
N GLU B 114 -43.50 26.84 5.55
CA GLU B 114 -43.19 25.69 4.70
C GLU B 114 -42.31 24.69 5.43
N PHE B 115 -42.70 23.43 5.38
CA PHE B 115 -41.97 22.35 6.04
C PHE B 115 -41.47 21.37 4.99
N PRO B 116 -40.21 21.53 4.57
CA PRO B 116 -39.62 20.62 3.58
C PRO B 116 -39.49 19.22 4.15
N CYS B 117 -39.75 18.22 3.33
CA CYS B 117 -39.68 16.83 3.77
C CYS B 117 -38.86 15.98 2.78
N TYR B 118 -39.43 15.75 1.60
CA TYR B 118 -38.77 14.96 0.57
C TYR B 118 -38.23 13.65 1.12
N ARG B 119 -39.13 12.85 1.66
CA ARG B 119 -38.78 11.57 2.26
C ARG B 119 -39.85 10.52 1.99
N TRP B 120 -39.45 9.25 1.97
CA TRP B 120 -40.40 8.15 1.88
C TRP B 120 -40.92 7.85 3.28
N ILE B 121 -42.23 7.71 3.40
CA ILE B 121 -42.84 7.46 4.69
C ILE B 121 -43.50 6.08 4.75
N THR B 122 -42.92 5.20 5.55
CA THR B 122 -43.44 3.85 5.76
C THR B 122 -44.13 3.75 7.12
N GLY B 123 -45.21 2.98 7.20
CA GLY B 123 -45.98 2.84 8.42
C GLY B 123 -45.13 2.61 9.66
N ASP B 124 -43.85 2.33 9.45
CA ASP B 124 -42.94 2.00 10.54
C ASP B 124 -42.89 3.05 11.66
N VAL B 125 -42.76 4.32 11.30
CA VAL B 125 -42.57 5.35 12.33
C VAL B 125 -43.13 6.73 11.98
N GLU B 126 -43.18 7.59 12.99
CA GLU B 126 -43.67 8.95 12.88
C GLU B 126 -42.62 9.87 12.25
N VAL B 127 -43.07 10.86 11.48
CA VAL B 127 -42.16 11.83 10.86
C VAL B 127 -42.41 13.23 11.42
N VAL B 128 -41.35 13.88 11.90
CA VAL B 128 -41.47 15.21 12.49
C VAL B 128 -40.59 16.20 11.75
N LEU B 129 -41.22 17.25 11.22
CA LEU B 129 -40.56 18.18 10.33
C LEU B 129 -40.36 19.58 10.93
N ARG B 130 -39.17 20.13 10.77
CA ARG B 130 -38.91 21.52 11.13
C ARG B 130 -39.40 22.39 9.98
N ASP B 131 -39.65 23.67 10.24
CA ASP B 131 -39.95 24.57 9.14
C ASP B 131 -38.68 24.78 8.32
N GLY B 132 -38.83 25.32 7.11
CA GLY B 132 -37.77 25.34 6.12
C GLY B 132 -36.50 26.13 6.41
N ARG B 133 -36.60 27.17 7.24
CA ARG B 133 -35.44 28.00 7.55
C ARG B 133 -34.30 27.17 8.13
N ALA B 134 -33.10 27.31 7.59
CA ALA B 134 -31.95 26.54 8.04
C ALA B 134 -31.43 27.06 9.38
N LYS B 135 -31.06 26.13 10.26
CA LYS B 135 -30.63 26.48 11.61
C LYS B 135 -29.40 25.71 12.04
N LEU B 136 -28.47 26.39 12.69
CA LEU B 136 -27.36 25.73 13.37
C LEU B 136 -27.83 25.34 14.76
N ALA B 137 -27.10 24.42 15.40
CA ALA B 137 -27.44 24.01 16.76
C ALA B 137 -27.49 25.23 17.68
N ARG B 138 -26.69 26.24 17.38
CA ARG B 138 -26.61 27.42 18.23
C ARG B 138 -27.87 28.27 18.13
N ASP B 139 -28.65 28.05 17.08
CA ASP B 139 -29.86 28.83 16.84
C ASP B 139 -31.06 28.32 17.65
N ASP B 140 -30.98 27.07 18.10
CA ASP B 140 -32.08 26.44 18.84
C ASP B 140 -31.84 26.51 20.35
N GLN B 141 -32.69 27.25 21.05
CA GLN B 141 -32.51 27.39 22.49
C GLN B 141 -33.69 26.88 23.32
N ILE B 142 -34.85 26.68 22.69
CA ILE B 142 -35.98 26.11 23.40
C ILE B 142 -35.99 24.58 23.32
N HIS B 143 -36.55 23.94 24.34
CA HIS B 143 -36.50 22.49 24.48
C HIS B 143 -37.15 21.73 23.34
N ILE B 144 -38.26 22.24 22.84
CA ILE B 144 -38.99 21.56 21.77
C ILE B 144 -38.07 21.34 20.56
N LEU B 145 -37.33 22.38 20.18
CA LEU B 145 -36.46 22.28 19.02
C LEU B 145 -35.21 21.45 19.31
N LYS B 146 -34.58 21.67 20.47
CA LYS B 146 -33.36 20.96 20.82
C LYS B 146 -33.60 19.46 20.95
N GLN B 147 -34.75 19.10 21.51
CA GLN B 147 -35.12 17.70 21.67
C GLN B 147 -35.27 17.02 20.30
N HIS B 148 -36.01 17.65 19.40
CA HIS B 148 -36.22 17.13 18.06
C HIS B 148 -34.89 16.95 17.32
N ARG B 149 -34.03 17.96 17.44
CA ARG B 149 -32.74 17.95 16.77
C ARG B 149 -31.89 16.78 17.26
N ARG B 150 -31.80 16.63 18.58
CA ARG B 150 -31.00 15.58 19.18
C ARG B 150 -31.61 14.20 18.88
N LYS B 151 -32.93 14.10 18.93
CA LYS B 151 -33.61 12.85 18.66
C LYS B 151 -33.54 12.45 17.18
N GLU B 152 -33.52 13.43 16.29
CA GLU B 152 -33.37 13.16 14.86
C GLU B 152 -32.01 12.52 14.58
N LEU B 153 -30.96 13.06 15.20
CA LEU B 153 -29.62 12.54 15.01
C LEU B 153 -29.48 11.12 15.57
N GLU B 154 -30.10 10.87 16.72
CA GLU B 154 -30.09 9.52 17.31
C GLU B 154 -30.73 8.51 16.38
N THR B 155 -31.81 8.92 15.71
CA THR B 155 -32.49 8.04 14.77
C THR B 155 -31.66 7.84 13.52
N ARG B 156 -31.07 8.92 13.02
CA ARG B 156 -30.21 8.87 11.85
C ARG B 156 -29.08 7.88 12.08
N GLN B 157 -28.50 7.91 13.27
CA GLN B 157 -27.30 7.14 13.59
C GLN B 157 -27.58 5.66 13.82
N LYS B 158 -28.86 5.30 13.96
CA LYS B 158 -29.26 3.91 14.02
C LYS B 158 -29.62 3.40 12.63
N GLN B 159 -30.15 4.29 11.80
CA GLN B 159 -30.56 3.95 10.45
C GLN B 159 -29.38 3.87 9.49
N TYR B 160 -28.47 4.84 9.59
CA TYR B 160 -27.35 4.94 8.67
C TYR B 160 -26.04 4.62 9.38
N ARG B 161 -25.57 3.39 9.19
CA ARG B 161 -24.41 2.92 9.93
C ARG B 161 -23.26 2.52 9.00
N TRP B 162 -22.04 2.60 9.52
CA TRP B 162 -20.86 2.26 8.75
C TRP B 162 -20.64 0.76 8.70
N MET B 163 -20.03 0.31 7.62
CA MET B 163 -19.70 -1.11 7.48
C MET B 163 -18.51 -1.26 6.53
N GLU B 164 -17.66 -2.25 6.80
CA GLU B 164 -16.53 -2.53 5.93
C GLU B 164 -16.88 -3.63 4.93
N TRP B 165 -16.95 -3.27 3.65
CA TRP B 165 -17.27 -4.23 2.60
C TRP B 165 -16.10 -5.17 2.35
N ASN B 166 -14.94 -4.61 2.09
CA ASN B 166 -13.70 -5.37 1.96
C ASN B 166 -12.63 -4.75 2.82
N PRO B 167 -11.67 -5.56 3.29
CA PRO B 167 -10.59 -5.09 4.16
C PRO B 167 -9.83 -3.93 3.52
N GLY B 168 -9.65 -2.84 4.26
CA GLY B 168 -8.88 -1.70 3.80
C GLY B 168 -9.68 -0.71 2.97
N PHE B 169 -10.92 -1.07 2.63
CA PHE B 169 -11.77 -0.20 1.85
C PHE B 169 -12.28 0.98 2.69
N PRO B 170 -12.58 2.10 2.03
CA PRO B 170 -13.33 3.13 2.77
C PRO B 170 -14.61 2.49 3.28
N LEU B 171 -15.07 2.89 4.46
CA LEU B 171 -16.30 2.32 4.98
C LEU B 171 -17.51 2.72 4.12
N SER B 172 -18.52 1.87 4.11
CA SER B 172 -19.73 2.12 3.34
C SER B 172 -20.98 1.85 4.17
N ILE B 173 -22.14 1.91 3.53
CA ILE B 173 -23.40 1.72 4.22
C ILE B 173 -23.50 0.29 4.76
N ASP B 174 -24.13 0.14 5.90
CA ASP B 174 -24.32 -1.18 6.49
C ASP B 174 -25.57 -1.85 5.94
N ALA B 175 -25.41 -2.50 4.79
CA ALA B 175 -26.53 -3.19 4.15
C ALA B 175 -25.99 -4.20 3.14
N LYS B 176 -26.58 -5.39 3.13
CA LYS B 176 -26.18 -6.44 2.21
C LYS B 176 -26.73 -6.21 0.81
N CYS B 177 -27.95 -5.70 0.74
CA CYS B 177 -28.60 -5.47 -0.54
C CYS B 177 -29.42 -4.18 -0.56
N HIS B 178 -29.84 -3.80 -1.76
CA HIS B 178 -30.58 -2.55 -1.98
C HIS B 178 -31.86 -2.46 -1.16
N LYS B 179 -32.48 -3.61 -0.91
CA LYS B 179 -33.75 -3.67 -0.17
C LYS B 179 -33.57 -3.47 1.33
N ASP B 180 -32.32 -3.60 1.80
CA ASP B 180 -32.01 -3.43 3.22
C ASP B 180 -31.71 -1.97 3.56
N LEU B 181 -31.55 -1.14 2.55
CA LEU B 181 -31.33 0.28 2.77
C LEU B 181 -32.59 0.92 3.32
N PRO B 182 -32.44 1.97 4.13
CA PRO B 182 -33.63 2.74 4.51
C PRO B 182 -34.30 3.26 3.24
N ARG B 183 -35.63 3.24 3.22
CA ARG B 183 -36.37 3.61 2.01
C ARG B 183 -35.96 4.98 1.45
N ASP B 184 -35.54 5.87 2.33
CA ASP B 184 -35.17 7.23 1.94
C ASP B 184 -34.01 7.28 0.94
N ILE B 185 -33.13 6.29 0.97
CA ILE B 185 -31.96 6.32 0.10
C ILE B 185 -31.97 5.22 -0.97
N GLN B 186 -33.11 4.57 -1.13
CA GLN B 186 -33.29 3.63 -2.24
C GLN B 186 -33.63 4.40 -3.51
N PHE B 187 -33.63 3.71 -4.64
CA PHE B 187 -33.83 4.35 -5.93
C PHE B 187 -35.26 4.83 -6.15
N ASP B 188 -36.15 4.51 -5.21
CA ASP B 188 -37.59 4.81 -5.34
C ASP B 188 -38.15 4.27 -6.66
N SER B 189 -37.28 3.73 -7.50
CA SER B 189 -37.63 3.13 -8.80
C SER B 189 -39.03 3.51 -9.28
N PHE B 195 -31.47 0.48 -17.17
CA PHE B 195 -30.12 0.00 -17.43
C PHE B 195 -30.12 -1.30 -18.22
N VAL B 196 -30.88 -2.27 -17.73
CA VAL B 196 -31.03 -3.54 -18.43
C VAL B 196 -31.72 -3.24 -19.75
N LEU B 197 -32.52 -2.19 -19.75
CA LEU B 197 -33.20 -1.70 -20.93
C LEU B 197 -32.20 -1.07 -21.90
N ASN B 198 -31.21 -0.37 -21.34
CA ASN B 198 -30.13 0.20 -22.15
C ASN B 198 -29.17 -0.89 -22.62
N TYR B 199 -28.85 -1.81 -21.73
CA TYR B 199 -28.00 -2.95 -22.06
C TYR B 199 -28.62 -3.76 -23.19
N SER B 200 -29.95 -3.79 -23.23
CA SER B 200 -30.68 -4.57 -24.21
C SER B 200 -30.68 -3.89 -25.58
N LYS B 201 -30.72 -2.56 -25.58
CA LYS B 201 -30.68 -1.80 -26.82
C LYS B 201 -29.32 -1.91 -27.49
N ALA B 202 -28.25 -1.89 -26.68
CA ALA B 202 -26.90 -2.07 -27.20
C ALA B 202 -26.76 -3.47 -27.79
N MET B 203 -27.41 -4.45 -27.15
CA MET B 203 -27.34 -5.82 -27.61
C MET B 203 -28.06 -6.00 -28.94
N GLU B 204 -29.14 -5.25 -29.13
CA GLU B 204 -29.91 -5.31 -30.37
C GLU B 204 -29.17 -4.69 -31.55
N ASN B 205 -28.10 -3.95 -31.27
CA ASN B 205 -27.34 -3.27 -32.32
C ASN B 205 -25.91 -3.75 -32.44
N LEU B 206 -25.70 -5.05 -32.21
CA LEU B 206 -24.36 -5.64 -32.28
C LEU B 206 -23.98 -6.01 -33.71
N PHE B 207 -22.70 -5.83 -34.04
CA PHE B 207 -22.18 -6.30 -35.32
C PHE B 207 -21.02 -7.27 -35.08
N ILE B 208 -21.04 -8.39 -35.81
CA ILE B 208 -20.00 -9.40 -35.66
C ILE B 208 -19.16 -9.58 -36.92
N ASN B 209 -17.85 -9.40 -36.78
CA ASN B 209 -16.94 -9.54 -37.91
C ASN B 209 -16.83 -11.00 -38.37
N ARG B 210 -17.25 -11.25 -39.61
CA ARG B 210 -17.21 -12.58 -40.19
C ARG B 210 -17.92 -13.59 -39.31
N PHE B 211 -19.17 -13.27 -39.00
CA PHE B 211 -20.01 -14.04 -38.09
C PHE B 211 -19.53 -15.47 -37.80
N ILE B 228 -15.92 -7.38 -33.09
CA ILE B 228 -17.29 -7.13 -32.66
C ILE B 228 -17.46 -5.72 -32.09
N PHE B 229 -18.61 -5.11 -32.39
CA PHE B 229 -18.90 -3.77 -31.88
C PHE B 229 -20.39 -3.44 -31.90
N VAL B 230 -20.72 -2.25 -31.42
CA VAL B 230 -22.11 -1.78 -31.36
C VAL B 230 -22.34 -0.68 -32.39
N LYS B 231 -23.35 -0.88 -33.23
CA LYS B 231 -23.62 0.04 -34.34
C LYS B 231 -23.97 1.46 -33.88
N ILE B 232 -24.25 1.63 -32.59
CA ILE B 232 -24.54 2.94 -32.05
C ILE B 232 -23.33 3.85 -32.23
N SER B 233 -23.51 4.98 -32.90
CA SER B 233 -22.40 5.85 -33.22
C SER B 233 -22.63 7.32 -32.85
N ASN B 234 -21.61 7.94 -32.30
CA ASN B 234 -21.56 9.38 -32.14
C ASN B 234 -20.25 9.90 -32.73
N THR B 235 -20.07 11.21 -32.73
CA THR B 235 -18.87 11.81 -33.30
C THR B 235 -17.59 11.17 -32.78
N ILE B 236 -17.48 11.03 -31.46
CA ILE B 236 -16.26 10.53 -30.84
C ILE B 236 -16.01 9.04 -31.09
N SER B 237 -17.03 8.22 -30.88
CA SER B 237 -16.89 6.78 -31.04
C SER B 237 -16.57 6.41 -32.48
N GLU B 238 -17.07 7.20 -33.42
CA GLU B 238 -16.78 6.99 -34.83
C GLU B 238 -15.33 7.34 -35.11
N ARG B 239 -14.88 8.46 -34.55
CA ARG B 239 -13.49 8.90 -34.69
C ARG B 239 -12.52 7.84 -34.15
N VAL B 240 -12.84 7.30 -32.97
CA VAL B 240 -12.00 6.28 -32.34
C VAL B 240 -11.90 5.03 -33.20
N MET B 241 -13.00 4.62 -33.80
CA MET B 241 -13.03 3.45 -34.66
C MET B 241 -12.07 3.60 -35.84
N ASN B 242 -11.92 4.82 -36.35
CA ASN B 242 -11.09 5.06 -37.53
C ASN B 242 -9.67 5.53 -37.23
N HIS B 243 -9.43 6.04 -36.03
CA HIS B 243 -8.16 6.69 -35.74
C HIS B 243 -7.44 6.17 -34.50
N TRP B 244 -7.94 5.06 -33.95
CA TRP B 244 -7.40 4.54 -32.70
C TRP B 244 -5.94 4.09 -32.83
N GLN B 245 -5.51 3.81 -34.04
CA GLN B 245 -4.16 3.31 -34.27
C GLN B 245 -3.13 4.45 -34.33
N GLU B 246 -3.63 5.67 -34.40
CA GLU B 246 -2.75 6.84 -34.52
C GLU B 246 -2.16 7.28 -33.19
N ASP B 247 -0.89 7.69 -33.22
CA ASP B 247 -0.19 8.13 -32.03
C ASP B 247 -0.80 9.42 -31.47
N LEU B 248 -1.29 10.28 -32.36
CA LEU B 248 -1.95 11.50 -31.92
C LEU B 248 -3.20 11.18 -31.11
N MET B 249 -3.97 10.21 -31.58
CA MET B 249 -5.19 9.78 -30.91
C MET B 249 -4.87 9.11 -29.57
N PHE B 250 -3.83 8.28 -29.58
CA PHE B 250 -3.39 7.60 -28.37
C PHE B 250 -2.99 8.62 -27.31
N GLY B 251 -2.22 9.62 -27.72
CA GLY B 251 -1.76 10.65 -26.79
C GLY B 251 -2.87 11.57 -26.35
N TYR B 252 -3.79 11.86 -27.26
CA TYR B 252 -4.89 12.78 -27.02
C TYR B 252 -5.76 12.34 -25.82
N GLN B 253 -5.84 11.04 -25.59
CA GLN B 253 -6.73 10.50 -24.57
C GLN B 253 -6.29 10.74 -23.13
N PHE B 254 -4.99 10.86 -22.92
CA PHE B 254 -4.48 11.09 -21.57
C PHE B 254 -4.86 12.48 -21.08
N LEU B 255 -5.23 13.36 -22.01
CA LEU B 255 -5.63 14.70 -21.66
C LEU B 255 -7.14 14.89 -21.71
N ASN B 256 -7.77 14.33 -22.74
CA ASN B 256 -9.17 14.62 -23.00
C ASN B 256 -10.03 13.39 -23.21
N GLY B 257 -9.49 12.22 -22.84
CA GLY B 257 -10.21 10.97 -22.98
C GLY B 257 -11.11 10.70 -21.78
N ALA B 258 -11.43 9.43 -21.56
CA ALA B 258 -12.33 9.04 -20.48
C ALA B 258 -11.64 9.07 -19.12
N ASN B 259 -10.32 9.00 -19.13
CA ASN B 259 -9.54 8.92 -17.90
C ASN B 259 -8.31 9.82 -17.91
N PRO B 260 -8.53 11.15 -18.00
CA PRO B 260 -7.44 12.11 -18.18
C PRO B 260 -6.84 12.61 -16.88
N VAL B 261 -6.47 11.70 -15.98
CA VAL B 261 -5.98 12.08 -14.66
C VAL B 261 -4.64 11.45 -14.31
N LEU B 262 -4.08 10.69 -15.24
CA LEU B 262 -2.86 9.95 -14.94
C LEU B 262 -1.59 10.67 -15.39
N ILE B 263 -1.67 11.37 -16.52
CA ILE B 263 -0.48 12.00 -17.11
C ILE B 263 0.10 13.08 -16.20
N ARG B 264 1.43 13.12 -16.13
CA ARG B 264 2.11 14.17 -15.39
C ARG B 264 3.38 14.61 -16.11
N ARG B 265 3.81 15.83 -15.86
CA ARG B 265 5.04 16.35 -16.44
C ARG B 265 6.25 15.69 -15.79
N CYS B 266 7.13 15.13 -16.60
CA CYS B 266 8.31 14.45 -16.11
C CYS B 266 9.47 15.42 -15.90
N THR B 267 9.98 15.47 -14.68
CA THR B 267 11.07 16.39 -14.34
C THR B 267 12.42 15.68 -14.37
N GLU B 268 12.39 14.36 -14.41
CA GLU B 268 13.60 13.57 -14.57
C GLU B 268 13.25 12.13 -14.91
N LEU B 269 14.00 11.55 -15.83
CA LEU B 269 13.78 10.17 -16.26
C LEU B 269 14.04 9.21 -15.11
N PRO B 270 13.07 8.33 -14.81
CA PRO B 270 13.23 7.33 -13.76
C PRO B 270 14.24 6.26 -14.17
N GLU B 271 14.98 5.73 -13.20
CA GLU B 271 15.98 4.70 -13.45
C GLU B 271 15.38 3.44 -14.06
N LYS B 272 14.14 3.12 -13.69
CA LYS B 272 13.49 1.91 -14.16
C LYS B 272 13.17 1.97 -15.65
N LEU B 273 13.36 3.14 -16.25
CA LEU B 273 13.12 3.32 -17.68
C LEU B 273 14.39 3.77 -18.38
N PRO B 274 15.26 2.81 -18.74
CA PRO B 274 16.56 3.11 -19.36
C PRO B 274 16.42 3.52 -20.81
N VAL B 275 15.68 4.60 -21.06
CA VAL B 275 15.52 5.11 -22.41
C VAL B 275 16.59 6.15 -22.74
N THR B 276 17.07 6.17 -23.98
CA THR B 276 18.14 7.08 -24.37
C THR B 276 17.73 7.95 -25.55
N THR B 277 18.48 9.05 -25.76
CA THR B 277 18.22 9.95 -26.87
C THR B 277 18.21 9.22 -28.21
N GLU B 278 19.22 8.38 -28.43
CA GLU B 278 19.35 7.64 -29.68
C GLU B 278 18.11 6.80 -29.96
N MET B 279 17.57 6.18 -28.91
CA MET B 279 16.35 5.39 -29.04
C MET B 279 15.19 6.20 -29.60
N VAL B 280 15.05 7.44 -29.15
CA VAL B 280 13.89 8.25 -29.48
C VAL B 280 14.21 9.46 -30.36
N GLU B 281 15.46 9.56 -30.80
CA GLU B 281 15.90 10.69 -31.62
C GLU B 281 14.94 10.98 -32.78
N CYS B 282 14.39 9.94 -33.38
CA CYS B 282 13.49 10.10 -34.51
C CYS B 282 12.20 10.81 -34.12
N SER B 283 11.83 10.72 -32.84
CA SER B 283 10.61 11.37 -32.35
C SER B 283 10.83 12.83 -31.98
N LEU B 284 12.04 13.16 -31.56
CA LEU B 284 12.36 14.51 -31.11
C LEU B 284 12.46 15.49 -32.28
N GLU B 285 11.98 16.72 -32.09
CA GLU B 285 11.82 17.65 -33.20
C GLU B 285 12.46 19.02 -32.96
N ARG B 286 13.17 19.20 -31.85
CA ARG B 286 13.75 20.49 -31.51
C ARG B 286 15.27 20.48 -31.53
N GLN B 287 15.84 19.35 -31.95
CA GLN B 287 17.28 19.21 -32.01
C GLN B 287 17.91 19.29 -30.63
N LEU B 288 17.18 18.82 -29.63
CA LEU B 288 17.68 18.72 -28.27
C LEU B 288 17.77 17.25 -27.89
N SER B 289 18.67 16.91 -26.98
CA SER B 289 18.74 15.55 -26.46
C SER B 289 17.51 15.27 -25.58
N LEU B 290 17.23 14.00 -25.34
CA LEU B 290 16.11 13.62 -24.49
C LEU B 290 16.21 14.31 -23.13
N GLU B 291 17.43 14.39 -22.60
CA GLU B 291 17.67 15.02 -21.32
C GLU B 291 17.31 16.51 -21.33
N GLN B 292 17.64 17.18 -22.43
CA GLN B 292 17.31 18.60 -22.56
C GLN B 292 15.80 18.82 -22.73
N GLU B 293 15.14 17.91 -23.45
CA GLU B 293 13.70 17.98 -23.60
C GLU B 293 13.02 17.90 -22.22
N VAL B 294 13.53 17.02 -21.37
CA VAL B 294 13.00 16.87 -20.03
C VAL B 294 13.12 18.18 -19.26
N GLN B 295 14.31 18.77 -19.30
CA GLN B 295 14.55 20.03 -18.61
C GLN B 295 13.71 21.17 -19.17
N GLN B 296 13.33 21.05 -20.44
CA GLN B 296 12.51 22.08 -21.09
C GLN B 296 11.03 21.90 -20.78
N GLY B 297 10.69 20.80 -20.11
CA GLY B 297 9.30 20.52 -19.73
C GLY B 297 8.48 19.96 -20.87
N ASN B 298 9.14 19.30 -21.82
CA ASN B 298 8.47 18.76 -22.99
C ASN B 298 8.18 17.26 -22.90
N ILE B 299 8.64 16.64 -21.82
CA ILE B 299 8.47 15.20 -21.66
C ILE B 299 7.47 14.88 -20.54
N PHE B 300 6.55 13.97 -20.84
CA PHE B 300 5.51 13.58 -19.90
C PHE B 300 5.51 12.07 -19.73
N ILE B 301 4.85 11.60 -18.68
CA ILE B 301 4.90 10.19 -18.35
C ILE B 301 3.60 9.68 -17.74
N VAL B 302 3.18 8.50 -18.19
CA VAL B 302 2.07 7.79 -17.58
C VAL B 302 2.62 6.48 -17.01
N ASP B 303 2.58 6.35 -15.69
CA ASP B 303 3.24 5.25 -15.00
C ASP B 303 2.26 4.43 -14.16
N PHE B 304 2.07 3.17 -14.54
CA PHE B 304 1.07 2.30 -13.91
C PHE B 304 1.65 1.40 -12.83
N GLU B 305 2.48 1.97 -11.95
CA GLU B 305 3.07 1.19 -10.87
C GLU B 305 1.98 0.58 -9.97
N LEU B 306 0.79 1.17 -10.01
CA LEU B 306 -0.35 0.66 -9.25
C LEU B 306 -0.65 -0.79 -9.63
N LEU B 307 -0.46 -1.11 -10.91
CA LEU B 307 -0.74 -2.46 -11.42
C LEU B 307 0.40 -3.43 -11.11
N ASP B 308 1.52 -2.90 -10.65
CA ASP B 308 2.68 -3.74 -10.36
C ASP B 308 2.45 -4.49 -9.06
N GLY B 309 2.63 -5.81 -9.09
CA GLY B 309 2.44 -6.62 -7.90
C GLY B 309 1.00 -7.08 -7.70
N ILE B 310 0.13 -6.76 -8.65
CA ILE B 310 -1.23 -7.27 -8.65
C ILE B 310 -1.21 -8.70 -9.18
N ASP B 311 -1.95 -9.59 -8.54
CA ASP B 311 -1.99 -10.98 -8.94
C ASP B 311 -2.85 -11.20 -10.18
N ALA B 312 -2.37 -12.07 -11.06
CA ALA B 312 -3.08 -12.37 -12.30
C ALA B 312 -3.50 -13.84 -12.33
N ASN B 313 -4.65 -14.10 -12.93
CA ASN B 313 -5.17 -15.46 -13.00
C ASN B 313 -5.27 -15.94 -14.45
N LYS B 314 -4.66 -17.09 -14.74
CA LYS B 314 -4.63 -17.60 -16.10
C LYS B 314 -6.02 -17.97 -16.61
N THR B 315 -6.74 -18.76 -15.82
CA THR B 315 -8.05 -19.25 -16.24
C THR B 315 -9.10 -19.23 -15.12
N ASP B 316 -10.33 -18.94 -15.50
CA ASP B 316 -11.46 -19.01 -14.59
C ASP B 316 -11.26 -18.21 -13.31
N PRO B 317 -11.25 -16.87 -13.43
CA PRO B 317 -11.33 -16.17 -14.71
C PRO B 317 -9.96 -15.70 -15.17
N CYS B 318 -9.84 -15.32 -16.44
CA CYS B 318 -8.58 -14.84 -16.98
C CYS B 318 -8.33 -13.39 -16.60
N THR B 319 -7.34 -13.17 -15.74
CA THR B 319 -6.99 -11.82 -15.32
C THR B 319 -5.58 -11.49 -15.78
N LEU B 320 -5.29 -11.85 -17.02
CA LEU B 320 -3.94 -11.73 -17.54
C LEU B 320 -3.55 -10.28 -17.85
N GLN B 321 -4.54 -9.39 -17.90
CA GLN B 321 -4.25 -7.97 -18.08
C GLN B 321 -3.36 -7.44 -16.96
N PHE B 322 -3.40 -8.12 -15.82
CA PHE B 322 -2.63 -7.69 -14.66
C PHE B 322 -1.18 -8.15 -14.73
N LEU B 323 -0.81 -8.75 -15.85
CA LEU B 323 0.59 -9.12 -16.08
C LEU B 323 1.41 -7.91 -16.50
N ALA B 324 0.73 -6.79 -16.77
CA ALA B 324 1.41 -5.59 -17.21
C ALA B 324 1.32 -4.45 -16.20
N ALA B 325 2.38 -3.65 -16.13
CA ALA B 325 2.39 -2.42 -15.34
C ALA B 325 3.23 -1.41 -16.10
N PRO B 326 2.68 -0.91 -17.23
CA PRO B 326 3.43 -0.16 -18.24
C PRO B 326 3.92 1.21 -17.78
N ILE B 327 4.98 1.67 -18.45
CA ILE B 327 5.45 3.04 -18.33
C ILE B 327 5.40 3.63 -19.73
N CYS B 328 4.66 4.72 -19.90
CA CYS B 328 4.54 5.35 -21.20
C CYS B 328 5.14 6.76 -21.18
N LEU B 329 6.15 6.96 -22.01
CA LEU B 329 6.82 8.25 -22.12
C LEU B 329 6.23 9.00 -23.31
N LEU B 330 5.84 10.25 -23.11
CA LEU B 330 5.25 11.03 -24.17
C LEU B 330 5.95 12.36 -24.36
N TYR B 331 5.73 12.98 -25.53
CA TYR B 331 6.49 14.15 -25.95
C TYR B 331 5.55 15.19 -26.53
N LYS B 332 5.78 16.45 -26.17
CA LYS B 332 5.00 17.55 -26.74
C LYS B 332 5.71 18.07 -27.98
N ASN B 333 5.23 17.67 -29.16
CA ASN B 333 5.89 18.04 -30.40
C ASN B 333 5.76 19.52 -30.75
N LEU B 334 6.30 19.90 -31.91
CA LEU B 334 6.32 21.31 -32.31
C LEU B 334 4.93 21.92 -32.49
N ALA B 335 3.92 21.07 -32.62
CA ALA B 335 2.55 21.54 -32.75
C ALA B 335 1.82 21.52 -31.40
N ASN B 336 2.57 21.25 -30.34
CA ASN B 336 2.02 21.23 -28.98
C ASN B 336 1.05 20.08 -28.73
N LYS B 337 1.26 18.98 -29.45
CA LYS B 337 0.49 17.77 -29.25
C LYS B 337 1.32 16.75 -28.47
N ILE B 338 0.69 16.01 -27.57
CA ILE B 338 1.40 14.99 -26.81
C ILE B 338 1.31 13.65 -27.52
N VAL B 339 2.46 13.05 -27.79
CA VAL B 339 2.51 11.79 -28.50
C VAL B 339 3.46 10.82 -27.81
N PRO B 340 3.14 9.52 -27.89
CA PRO B 340 3.97 8.47 -27.27
C PRO B 340 5.28 8.29 -28.03
N ILE B 341 6.40 8.19 -27.32
CA ILE B 341 7.70 7.99 -27.95
C ILE B 341 8.39 6.74 -27.42
N ALA B 342 7.87 6.17 -26.34
CA ALA B 342 8.45 4.97 -25.76
C ALA B 342 7.46 4.28 -24.84
N ILE B 343 7.45 2.95 -24.87
CA ILE B 343 6.59 2.17 -23.99
C ILE B 343 7.29 0.94 -23.44
N GLN B 344 7.31 0.83 -22.12
CA GLN B 344 7.82 -0.35 -21.44
C GLN B 344 6.67 -0.98 -20.67
N LEU B 345 6.30 -2.20 -21.02
CA LEU B 345 5.07 -2.81 -20.54
C LEU B 345 5.12 -3.24 -19.06
N ASN B 346 6.32 -3.44 -18.53
CA ASN B 346 6.48 -3.71 -17.11
C ASN B 346 7.45 -2.75 -16.43
N GLN B 347 7.43 -2.74 -15.11
CA GLN B 347 8.18 -1.79 -14.31
C GLN B 347 9.68 -2.05 -14.30
N ILE B 348 10.06 -3.32 -14.14
CA ILE B 348 11.47 -3.68 -14.03
C ILE B 348 12.08 -3.92 -15.41
N PRO B 349 12.99 -3.03 -15.82
CA PRO B 349 13.61 -3.12 -17.15
C PRO B 349 14.43 -4.40 -17.28
N GLY B 350 14.64 -4.85 -18.51
CA GLY B 350 15.42 -6.06 -18.73
C GLY B 350 15.20 -6.70 -20.08
N ASP B 351 15.80 -7.87 -20.26
CA ASP B 351 15.80 -8.57 -21.54
C ASP B 351 14.40 -8.90 -22.03
N GLU B 352 13.56 -9.43 -21.14
CA GLU B 352 12.22 -9.85 -21.50
C GLU B 352 11.18 -8.76 -21.30
N ASN B 353 11.67 -7.52 -21.12
CA ASN B 353 10.79 -6.37 -20.95
C ASN B 353 11.24 -5.22 -21.84
N PRO B 354 11.03 -5.37 -23.15
CA PRO B 354 11.54 -4.44 -24.17
C PRO B 354 10.94 -3.04 -24.07
N ILE B 355 11.74 -2.02 -24.38
CA ILE B 355 11.22 -0.68 -24.54
C ILE B 355 10.77 -0.52 -25.99
N PHE B 356 9.45 -0.52 -26.20
CA PHE B 356 8.89 -0.40 -27.54
C PHE B 356 8.90 1.05 -28.02
N LEU B 357 9.03 1.22 -29.34
CA LEU B 357 9.15 2.53 -29.95
C LEU B 357 8.30 2.60 -31.20
N PRO B 358 7.86 3.81 -31.58
CA PRO B 358 7.10 3.98 -32.81
C PRO B 358 7.94 3.62 -34.04
N SER B 359 9.24 3.46 -33.85
CA SER B 359 10.13 3.04 -34.94
C SER B 359 10.23 1.51 -35.03
N ASP B 360 9.54 0.81 -34.14
CA ASP B 360 9.53 -0.64 -34.18
C ASP B 360 8.61 -1.18 -35.26
N ALA B 361 8.61 -2.49 -35.44
CA ALA B 361 7.70 -3.14 -36.38
C ALA B 361 6.27 -2.70 -36.10
N LYS B 362 5.50 -2.50 -37.17
CA LYS B 362 4.13 -1.98 -37.05
C LYS B 362 3.33 -2.59 -35.90
N TYR B 363 3.35 -3.91 -35.79
CA TYR B 363 2.48 -4.59 -34.83
C TYR B 363 3.05 -4.69 -33.41
N ASP B 364 4.38 -4.56 -33.29
CA ASP B 364 5.00 -4.48 -31.97
C ASP B 364 4.52 -3.22 -31.27
N TRP B 365 4.63 -2.09 -31.97
CA TRP B 365 4.26 -0.80 -31.42
C TRP B 365 2.76 -0.69 -31.16
N LEU B 366 1.96 -1.22 -32.08
CA LEU B 366 0.51 -1.20 -31.92
C LEU B 366 0.09 -1.98 -30.68
N LEU B 367 0.63 -3.19 -30.54
CA LEU B 367 0.30 -4.05 -29.41
C LEU B 367 0.76 -3.43 -28.09
N ALA B 368 1.92 -2.77 -28.13
CA ALA B 368 2.43 -2.08 -26.95
C ALA B 368 1.41 -1.05 -26.46
N LYS B 369 0.84 -0.28 -27.39
CA LYS B 369 -0.14 0.74 -27.08
C LYS B 369 -1.45 0.12 -26.60
N ILE B 370 -1.82 -1.01 -27.19
CA ILE B 370 -3.03 -1.72 -26.79
C ILE B 370 -2.93 -2.12 -25.33
N TRP B 371 -1.73 -2.51 -24.90
CA TRP B 371 -1.49 -2.90 -23.51
C TRP B 371 -1.56 -1.70 -22.56
N VAL B 372 -1.10 -0.55 -23.02
CA VAL B 372 -1.22 0.66 -22.22
C VAL B 372 -2.68 1.06 -22.09
N ARG B 373 -3.43 0.93 -23.18
CA ARG B 373 -4.86 1.21 -23.17
C ARG B 373 -5.58 0.29 -22.19
N SER B 374 -5.24 -0.99 -22.21
CA SER B 374 -5.81 -1.95 -21.28
C SER B 374 -5.56 -1.52 -19.84
N SER B 375 -4.32 -1.15 -19.54
CA SER B 375 -3.96 -0.70 -18.21
C SER B 375 -4.75 0.55 -17.83
N ASP B 376 -4.85 1.47 -18.78
CA ASP B 376 -5.59 2.71 -18.56
C ASP B 376 -7.04 2.39 -18.20
N PHE B 377 -7.60 1.39 -18.87
CA PHE B 377 -9.00 1.03 -18.66
C PHE B 377 -9.26 0.52 -17.24
N HIS B 378 -8.34 -0.29 -16.71
CA HIS B 378 -8.54 -0.88 -15.39
C HIS B 378 -8.35 0.14 -14.26
N VAL B 379 -7.34 1.00 -14.40
CA VAL B 379 -7.16 2.10 -13.46
C VAL B 379 -8.37 3.01 -13.49
N HIS B 380 -8.90 3.25 -14.69
CA HIS B 380 -10.06 4.12 -14.83
C HIS B 380 -11.29 3.59 -14.11
N GLN B 381 -11.65 2.35 -14.41
CA GLN B 381 -12.83 1.72 -13.83
C GLN B 381 -12.71 1.63 -12.31
N THR B 382 -11.62 1.02 -11.85
CA THR B 382 -11.47 0.68 -10.45
C THR B 382 -11.09 1.88 -9.57
N ILE B 383 -10.17 2.71 -10.06
CA ILE B 383 -9.61 3.77 -9.23
C ILE B 383 -10.22 5.14 -9.50
N THR B 384 -10.06 5.63 -10.73
CA THR B 384 -10.54 6.96 -11.09
C THR B 384 -12.07 7.07 -10.91
N HIS B 385 -12.77 6.00 -11.28
CA HIS B 385 -14.22 6.02 -11.30
C HIS B 385 -14.84 5.52 -10.01
N LEU B 386 -14.69 4.22 -9.75
CA LEU B 386 -15.33 3.58 -8.60
C LEU B 386 -14.86 4.13 -7.26
N LEU B 387 -13.57 3.98 -6.98
CA LEU B 387 -13.02 4.42 -5.70
C LEU B 387 -13.11 5.93 -5.50
N ARG B 388 -12.60 6.68 -6.47
CA ARG B 388 -12.39 8.11 -6.26
C ARG B 388 -13.62 9.00 -6.50
N THR B 389 -14.68 8.43 -7.06
CA THR B 389 -15.92 9.20 -7.19
C THR B 389 -17.09 8.53 -6.46
N HIS B 390 -17.31 7.25 -6.73
CA HIS B 390 -18.40 6.52 -6.09
C HIS B 390 -18.19 6.37 -4.59
N LEU B 391 -17.14 5.65 -4.21
CA LEU B 391 -16.88 5.37 -2.79
C LEU B 391 -16.63 6.62 -1.97
N VAL B 392 -15.99 7.62 -2.57
CA VAL B 392 -15.74 8.87 -1.87
C VAL B 392 -17.05 9.62 -1.61
N SER B 393 -17.88 9.72 -2.64
CA SER B 393 -19.17 10.40 -2.52
C SER B 393 -20.03 9.74 -1.45
N GLU B 394 -19.97 8.40 -1.39
CA GLU B 394 -20.76 7.65 -0.42
C GLU B 394 -20.32 7.93 1.02
N VAL B 395 -19.01 8.08 1.21
CA VAL B 395 -18.48 8.42 2.53
C VAL B 395 -19.04 9.77 2.96
N PHE B 396 -19.02 10.74 2.06
CA PHE B 396 -19.58 12.06 2.35
C PHE B 396 -21.07 11.95 2.64
N GLY B 397 -21.77 11.15 1.84
CA GLY B 397 -23.20 10.99 1.99
C GLY B 397 -23.61 10.38 3.32
N ILE B 398 -22.97 9.27 3.66
CA ILE B 398 -23.25 8.60 4.93
C ILE B 398 -22.97 9.52 6.12
N ALA B 399 -21.82 10.18 6.10
CA ALA B 399 -21.46 11.11 7.18
C ALA B 399 -22.47 12.24 7.30
N MET B 400 -22.95 12.73 6.16
CA MET B 400 -23.97 13.77 6.13
C MET B 400 -25.24 13.31 6.83
N TYR B 401 -25.71 12.13 6.46
CA TYR B 401 -26.93 11.58 7.05
C TYR B 401 -26.80 11.33 8.55
N ARG B 402 -25.64 10.86 8.97
CA ARG B 402 -25.42 10.53 10.39
C ARG B 402 -25.31 11.77 11.28
N GLN B 403 -24.66 12.81 10.80
CA GLN B 403 -24.26 13.92 11.66
C GLN B 403 -25.00 15.24 11.45
N LEU B 404 -25.68 15.37 10.31
CA LEU B 404 -26.33 16.64 10.00
C LEU B 404 -27.85 16.51 9.92
N PRO B 405 -28.56 17.17 10.83
CA PRO B 405 -30.03 17.20 10.83
C PRO B 405 -30.55 17.88 9.57
N ALA B 406 -31.80 17.60 9.20
CA ALA B 406 -32.37 18.11 7.96
C ALA B 406 -32.44 19.62 7.94
N VAL B 407 -32.61 20.22 9.11
CA VAL B 407 -32.75 21.68 9.22
C VAL B 407 -31.41 22.40 9.05
N HIS B 408 -30.31 21.65 9.11
CA HIS B 408 -28.96 22.20 8.97
C HIS B 408 -28.66 22.63 7.52
N PRO B 409 -28.13 23.85 7.34
CA PRO B 409 -27.89 24.38 5.99
C PRO B 409 -26.97 23.50 5.15
N ILE B 410 -26.01 22.84 5.79
CA ILE B 410 -25.11 21.96 5.06
C ILE B 410 -25.82 20.69 4.60
N PHE B 411 -26.78 20.22 5.38
CA PHE B 411 -27.60 19.10 4.93
C PHE B 411 -28.42 19.50 3.71
N LYS B 412 -29.06 20.67 3.79
CA LYS B 412 -29.87 21.17 2.68
C LYS B 412 -29.03 21.33 1.41
N LEU B 413 -27.81 21.81 1.57
CA LEU B 413 -26.91 22.02 0.43
C LEU B 413 -26.44 20.72 -0.21
N LEU B 414 -25.95 19.79 0.62
CA LEU B 414 -25.33 18.57 0.11
C LEU B 414 -26.30 17.45 -0.30
N VAL B 415 -27.50 17.44 0.27
CA VAL B 415 -28.41 16.32 0.03
C VAL B 415 -28.70 16.11 -1.46
N ALA B 416 -28.81 17.21 -2.21
CA ALA B 416 -29.03 17.12 -3.65
C ALA B 416 -27.85 16.46 -4.37
N HIS B 417 -26.66 16.56 -3.79
CA HIS B 417 -25.46 16.07 -4.45
C HIS B 417 -25.06 14.66 -4.02
N VAL B 418 -25.85 14.05 -3.14
CA VAL B 418 -25.64 12.64 -2.78
C VAL B 418 -26.85 11.77 -3.16
N ARG B 419 -27.74 12.34 -3.96
CA ARG B 419 -28.94 11.62 -4.37
C ARG B 419 -28.61 10.31 -5.10
N PHE B 420 -29.07 9.20 -4.51
CA PHE B 420 -28.95 7.89 -5.15
C PHE B 420 -27.55 7.29 -5.10
N THR B 421 -26.61 8.04 -4.55
CA THR B 421 -25.22 7.59 -4.53
C THR B 421 -25.09 6.27 -3.77
N ILE B 422 -25.70 6.22 -2.59
CA ILE B 422 -25.64 5.01 -1.78
C ILE B 422 -26.44 3.88 -2.40
N ALA B 423 -27.52 4.23 -3.10
CA ALA B 423 -28.36 3.23 -3.75
C ALA B 423 -27.64 2.58 -4.93
N ILE B 424 -26.99 3.38 -5.76
CA ILE B 424 -26.26 2.86 -6.92
C ILE B 424 -25.07 2.03 -6.46
N ASN B 425 -24.39 2.49 -5.41
CA ASN B 425 -23.25 1.75 -4.86
C ASN B 425 -23.66 0.39 -4.29
N THR B 426 -24.78 0.35 -3.58
CA THR B 426 -25.27 -0.90 -2.99
C THR B 426 -25.61 -1.89 -4.09
N LYS B 427 -26.23 -1.39 -5.15
CA LYS B 427 -26.54 -2.20 -6.32
C LYS B 427 -25.25 -2.77 -6.92
N ALA B 428 -24.26 -1.90 -7.06
CA ALA B 428 -22.96 -2.27 -7.63
C ALA B 428 -22.33 -3.40 -6.84
N ARG B 429 -22.32 -3.28 -5.52
CA ARG B 429 -21.74 -4.31 -4.68
C ARG B 429 -22.57 -5.59 -4.72
N GLU B 430 -23.69 -5.58 -5.45
CA GLU B 430 -24.68 -6.64 -5.27
C GLU B 430 -24.55 -7.92 -6.12
N GLN B 431 -24.32 -7.83 -7.43
CA GLN B 431 -24.16 -6.58 -8.17
C GLN B 431 -25.19 -6.52 -9.30
N LEU B 432 -25.44 -5.31 -9.81
CA LEU B 432 -26.42 -5.11 -10.88
C LEU B 432 -26.13 -3.82 -11.65
N GLY B 448 -10.57 -10.03 -7.04
CA GLY B 448 -9.24 -10.37 -6.57
C GLY B 448 -8.23 -9.28 -6.84
N GLY B 449 -7.79 -9.17 -8.09
CA GLY B 449 -6.82 -8.17 -8.48
C GLY B 449 -7.34 -6.76 -8.32
N HIS B 450 -8.63 -6.57 -8.63
CA HIS B 450 -9.25 -5.27 -8.51
C HIS B 450 -9.31 -4.82 -7.06
N VAL B 451 -9.55 -5.76 -6.16
CA VAL B 451 -9.56 -5.49 -4.74
C VAL B 451 -8.17 -5.02 -4.29
N GLN B 452 -7.14 -5.68 -4.81
CA GLN B 452 -5.76 -5.27 -4.52
C GLN B 452 -5.49 -3.86 -5.02
N MET B 453 -5.97 -3.57 -6.22
CA MET B 453 -5.80 -2.24 -6.80
C MET B 453 -6.31 -1.17 -5.84
N VAL B 454 -7.56 -1.32 -5.43
CA VAL B 454 -8.19 -0.37 -4.51
C VAL B 454 -7.37 -0.22 -3.24
N GLN B 455 -7.04 -1.35 -2.62
CA GLN B 455 -6.28 -1.34 -1.38
C GLN B 455 -4.99 -0.55 -1.54
N ARG B 456 -4.32 -0.78 -2.67
CA ARG B 456 -3.06 -0.12 -2.95
C ARG B 456 -3.26 1.36 -3.27
N ALA B 457 -4.45 1.71 -3.73
CA ALA B 457 -4.76 3.09 -4.12
C ALA B 457 -5.13 3.97 -2.92
N MET B 458 -5.44 3.33 -1.79
CA MET B 458 -5.84 4.07 -0.59
C MET B 458 -4.76 5.04 -0.14
N LYS B 459 -3.51 4.61 -0.20
CA LYS B 459 -2.37 5.45 0.17
C LYS B 459 -2.38 6.80 -0.56
N ASP B 460 -2.97 6.82 -1.74
CA ASP B 460 -2.97 8.02 -2.57
C ASP B 460 -4.29 8.78 -2.51
N LEU B 461 -5.27 8.20 -1.82
CA LEU B 461 -6.56 8.86 -1.68
C LEU B 461 -6.43 9.95 -0.61
N THR B 462 -6.10 11.16 -1.04
CA THR B 462 -5.88 12.24 -0.09
C THR B 462 -6.80 13.42 -0.36
N TYR B 463 -7.02 14.23 0.66
CA TYR B 463 -7.85 15.41 0.55
C TYR B 463 -7.32 16.35 -0.53
N ALA B 464 -6.01 16.51 -0.57
CA ALA B 464 -5.36 17.37 -1.56
C ALA B 464 -5.61 16.89 -2.99
N SER B 465 -5.54 15.58 -3.21
CA SER B 465 -5.76 15.02 -4.55
C SER B 465 -7.18 15.25 -5.04
N LEU B 466 -8.09 15.57 -4.12
CA LEU B 466 -9.48 15.84 -4.47
C LEU B 466 -9.72 17.32 -4.72
N CYS B 467 -8.76 18.15 -4.36
CA CYS B 467 -8.83 19.59 -4.66
C CYS B 467 -8.34 19.82 -6.09
N PHE B 468 -9.27 20.11 -6.99
CA PHE B 468 -8.97 20.13 -8.42
C PHE B 468 -7.74 20.95 -8.79
N PRO B 469 -7.73 22.25 -8.46
CA PRO B 469 -6.58 23.09 -8.81
C PRO B 469 -5.26 22.50 -8.30
N GLU B 470 -5.24 22.10 -7.03
CA GLU B 470 -4.04 21.53 -6.43
C GLU B 470 -3.63 20.22 -7.11
N ALA B 471 -4.61 19.37 -7.39
CA ALA B 471 -4.36 18.08 -8.05
C ALA B 471 -3.73 18.29 -9.43
N ILE B 472 -4.12 19.36 -10.10
CA ILE B 472 -3.57 19.68 -11.42
C ILE B 472 -2.12 20.10 -11.31
N LYS B 473 -1.81 20.96 -10.32
CA LYS B 473 -0.46 21.46 -10.12
C LYS B 473 0.50 20.35 -9.71
N ALA B 474 -0.01 19.40 -8.93
CA ALA B 474 0.79 18.28 -8.44
C ALA B 474 1.33 17.45 -9.59
N ARG B 475 0.60 17.46 -10.71
CA ARG B 475 1.01 16.70 -11.89
C ARG B 475 1.77 17.58 -12.88
N GLY B 476 2.02 18.83 -12.48
CA GLY B 476 2.76 19.77 -13.30
C GLY B 476 2.07 20.09 -14.61
N MET B 477 0.75 20.01 -14.62
CA MET B 477 -0.01 20.16 -15.85
C MET B 477 -0.81 21.46 -15.91
N GLU B 478 -0.47 22.40 -15.03
CA GLU B 478 -1.32 23.58 -14.84
C GLU B 478 -1.11 24.67 -15.90
N SER B 479 0.06 24.70 -16.51
CA SER B 479 0.38 25.75 -17.47
C SER B 479 -0.44 25.65 -18.76
N LYS B 480 -1.26 26.67 -19.01
CA LYS B 480 -2.07 26.75 -20.21
C LYS B 480 -1.22 27.18 -21.41
N GLU B 481 -0.09 27.82 -21.12
CA GLU B 481 0.83 28.29 -22.14
C GLU B 481 1.61 27.12 -22.74
N ASP B 482 2.12 26.26 -21.86
CA ASP B 482 2.91 25.11 -22.29
C ASP B 482 2.02 23.98 -22.81
N ILE B 483 0.93 23.73 -22.09
CA ILE B 483 0.02 22.63 -22.41
C ILE B 483 -1.37 23.18 -22.70
N PRO B 484 -1.55 23.73 -23.91
CA PRO B 484 -2.78 24.45 -24.30
C PRO B 484 -3.99 23.55 -24.55
N TYR B 485 -3.77 22.28 -24.89
CA TYR B 485 -4.88 21.42 -25.32
C TYR B 485 -5.39 20.48 -24.23
N TYR B 486 -5.31 20.91 -22.97
CA TYR B 486 -5.80 20.11 -21.84
C TYR B 486 -7.17 20.64 -21.44
N PHE B 487 -8.21 20.17 -22.11
CA PHE B 487 -9.55 20.72 -21.95
C PHE B 487 -10.25 20.23 -20.68
N TYR B 488 -9.89 19.03 -20.24
CA TYR B 488 -10.36 18.52 -18.96
C TYR B 488 -9.94 19.51 -17.87
N ARG B 489 -8.69 19.99 -17.97
CA ARG B 489 -8.17 20.95 -17.01
C ARG B 489 -8.88 22.30 -17.07
N ASP B 490 -8.98 22.88 -18.27
CA ASP B 490 -9.57 24.20 -18.43
C ASP B 490 -11.03 24.23 -17.97
N ASP B 491 -11.79 23.23 -18.38
CA ASP B 491 -13.21 23.14 -18.04
C ASP B 491 -13.41 22.81 -16.56
N GLY B 492 -12.61 21.87 -16.05
CA GLY B 492 -12.67 21.50 -14.66
C GLY B 492 -12.44 22.69 -13.76
N LEU B 493 -11.45 23.51 -14.10
CA LEU B 493 -11.15 24.70 -13.30
C LEU B 493 -12.32 25.68 -13.28
N LEU B 494 -12.96 25.87 -14.42
CA LEU B 494 -14.11 26.75 -14.49
C LEU B 494 -15.21 26.27 -13.55
N VAL B 495 -15.55 24.99 -13.63
CA VAL B 495 -16.61 24.42 -12.81
C VAL B 495 -16.22 24.45 -11.34
N TRP B 496 -15.01 23.99 -11.03
CA TRP B 496 -14.51 24.05 -9.66
C TRP B 496 -14.68 25.46 -9.12
N GLU B 497 -14.31 26.44 -9.92
CA GLU B 497 -14.38 27.84 -9.51
C GLU B 497 -15.82 28.30 -9.27
N ALA B 498 -16.73 27.88 -10.13
CA ALA B 498 -18.14 28.23 -9.97
C ALA B 498 -18.69 27.65 -8.65
N ILE B 499 -18.40 26.39 -8.39
CA ILE B 499 -18.87 25.73 -7.18
C ILE B 499 -18.26 26.37 -5.94
N ARG B 500 -16.99 26.75 -6.04
CA ARG B 500 -16.28 27.38 -4.94
C ARG B 500 -16.96 28.69 -4.56
N THR B 501 -17.34 29.46 -5.58
CA THR B 501 -17.99 30.74 -5.35
C THR B 501 -19.38 30.53 -4.75
N PHE B 502 -20.08 29.51 -5.23
CA PHE B 502 -21.41 29.20 -4.74
C PHE B 502 -21.39 28.79 -3.26
N THR B 503 -20.50 27.86 -2.91
CA THR B 503 -20.39 27.38 -1.54
C THR B 503 -19.93 28.50 -0.60
N ALA B 504 -19.08 29.38 -1.12
CA ALA B 504 -18.62 30.54 -0.35
C ALA B 504 -19.77 31.47 0.02
N GLU B 505 -20.68 31.70 -0.91
CA GLU B 505 -21.86 32.52 -0.64
C GLU B 505 -22.75 31.87 0.41
N VAL B 506 -22.96 30.56 0.27
CA VAL B 506 -23.82 29.83 1.19
C VAL B 506 -23.23 29.78 2.60
N VAL B 507 -21.92 29.56 2.69
CA VAL B 507 -21.25 29.52 3.98
C VAL B 507 -21.34 30.87 4.69
N ASP B 508 -21.22 31.94 3.91
CA ASP B 508 -21.24 33.30 4.45
C ASP B 508 -22.62 33.69 4.97
N ILE B 509 -23.66 33.17 4.32
CA ILE B 509 -25.02 33.48 4.73
C ILE B 509 -25.36 32.90 6.10
N TYR B 510 -24.84 31.71 6.39
CA TYR B 510 -25.21 31.00 7.61
C TYR B 510 -24.16 31.05 8.71
N TYR B 511 -22.92 31.38 8.34
CA TYR B 511 -21.84 31.51 9.30
C TYR B 511 -21.26 32.92 9.31
N GLU B 512 -21.45 33.64 10.40
CA GLU B 512 -21.01 35.03 10.52
C GLU B 512 -19.49 35.15 10.50
N GLY B 513 -18.82 34.20 11.13
CA GLY B 513 -17.37 34.24 11.24
C GLY B 513 -16.78 32.86 11.44
N ASP B 514 -15.46 32.79 11.53
CA ASP B 514 -14.76 31.51 11.67
C ASP B 514 -15.15 30.78 12.96
N GLN B 515 -15.45 31.54 14.02
CA GLN B 515 -15.78 30.95 15.31
C GLN B 515 -17.06 30.12 15.27
N VAL B 516 -18.04 30.59 14.50
CA VAL B 516 -19.30 29.87 14.38
C VAL B 516 -19.05 28.52 13.71
N VAL B 517 -18.16 28.51 12.72
CA VAL B 517 -17.80 27.29 12.03
C VAL B 517 -17.15 26.33 13.01
N GLU B 518 -16.14 26.82 13.72
CA GLU B 518 -15.38 25.99 14.65
C GLU B 518 -16.28 25.40 15.74
N GLU B 519 -17.23 26.20 16.21
CA GLU B 519 -18.09 25.81 17.33
C GLU B 519 -19.33 25.02 16.90
N ASP B 520 -19.48 24.79 15.60
CA ASP B 520 -20.60 23.99 15.09
C ASP B 520 -20.33 22.51 15.32
N PRO B 521 -20.99 21.92 16.33
CA PRO B 521 -20.71 20.55 16.77
C PRO B 521 -21.17 19.51 15.75
N GLU B 522 -22.23 19.81 15.01
CA GLU B 522 -22.73 18.89 13.99
C GLU B 522 -21.83 18.88 12.76
N LEU B 523 -21.30 20.05 12.39
CA LEU B 523 -20.34 20.14 11.30
C LEU B 523 -19.07 19.39 11.68
N GLN B 524 -18.62 19.59 12.92
CA GLN B 524 -17.39 18.96 13.39
C GLN B 524 -17.50 17.43 13.42
N ASP B 525 -18.67 16.93 13.80
CA ASP B 525 -18.90 15.48 13.84
C ASP B 525 -19.05 14.91 12.43
N PHE B 526 -19.58 15.72 11.52
CA PHE B 526 -19.66 15.35 10.11
C PHE B 526 -18.27 15.16 9.54
N VAL B 527 -17.42 16.17 9.70
CA VAL B 527 -16.04 16.12 9.24
C VAL B 527 -15.28 14.97 9.88
N ASN B 528 -15.52 14.77 11.19
CA ASN B 528 -14.83 13.73 11.94
C ASN B 528 -15.23 12.31 11.51
N ASP B 529 -16.49 12.14 11.13
CA ASP B 529 -16.97 10.84 10.68
C ASP B 529 -16.30 10.47 9.35
N VAL B 530 -16.15 11.45 8.48
CA VAL B 530 -15.49 11.26 7.21
C VAL B 530 -14.05 10.78 7.43
N TYR B 531 -13.33 11.49 8.29
CA TYR B 531 -11.93 11.20 8.57
C TYR B 531 -11.73 9.85 9.26
N VAL B 532 -12.48 9.63 10.33
CA VAL B 532 -12.26 8.46 11.19
C VAL B 532 -12.87 7.18 10.62
N TYR B 533 -14.03 7.30 9.98
CA TYR B 533 -14.73 6.13 9.48
C TYR B 533 -14.57 5.94 7.98
N GLY B 534 -15.01 6.93 7.22
CA GLY B 534 -14.86 6.89 5.78
C GLY B 534 -13.44 6.59 5.37
N MET B 535 -12.50 7.40 5.86
CA MET B 535 -11.10 7.28 5.47
C MET B 535 -10.28 6.47 6.48
N ARG B 536 -10.96 5.85 7.43
CA ARG B 536 -10.34 4.89 8.35
C ARG B 536 -9.34 5.53 9.31
N GLY B 537 -9.41 6.86 9.45
CA GLY B 537 -8.56 7.58 10.37
C GLY B 537 -7.08 7.50 10.06
N ARG B 538 -6.73 7.23 8.81
CA ARG B 538 -5.33 7.19 8.43
C ARG B 538 -4.74 8.58 8.30
N LYS B 539 -3.70 8.86 9.08
CA LYS B 539 -3.08 10.18 9.14
C LYS B 539 -2.74 10.73 7.76
N SER B 540 -2.14 9.90 6.91
CA SER B 540 -1.63 10.36 5.62
C SER B 540 -2.71 10.81 4.64
N SER B 541 -3.97 10.50 4.95
CA SER B 541 -5.07 10.87 4.06
C SER B 541 -5.15 12.38 3.88
N GLY B 542 -4.67 13.11 4.88
CA GLY B 542 -4.64 14.57 4.80
C GLY B 542 -5.99 15.23 5.02
N PHE B 543 -7.03 14.42 5.23
CA PHE B 543 -8.35 14.96 5.50
C PHE B 543 -8.36 15.76 6.80
N PRO B 544 -9.11 16.86 6.82
CA PRO B 544 -9.27 17.69 8.02
C PRO B 544 -9.94 16.93 9.17
N LYS B 545 -9.34 16.97 10.35
CA LYS B 545 -9.97 16.37 11.53
C LYS B 545 -11.12 17.26 11.98
N SER B 546 -10.99 18.55 11.68
CA SER B 546 -11.99 19.55 12.00
C SER B 546 -11.87 20.71 11.04
N VAL B 547 -12.91 21.53 10.95
CA VAL B 547 -12.88 22.71 10.10
C VAL B 547 -13.11 23.95 10.96
N LYS B 548 -12.17 24.89 10.91
CA LYS B 548 -12.16 26.01 11.84
C LYS B 548 -12.25 27.37 11.16
N SER B 549 -12.57 27.38 9.87
CA SER B 549 -12.71 28.64 9.15
C SER B 549 -13.74 28.51 8.03
N ARG B 550 -14.38 29.62 7.70
CA ARG B 550 -15.35 29.63 6.62
C ARG B 550 -14.66 29.30 5.30
N GLU B 551 -13.42 29.73 5.16
CA GLU B 551 -12.66 29.46 3.95
C GLU B 551 -12.40 27.95 3.76
N GLN B 552 -11.99 27.27 4.82
CA GLN B 552 -11.76 25.83 4.72
C GLN B 552 -13.07 25.08 4.55
N LEU B 553 -14.14 25.56 5.18
CA LEU B 553 -15.45 24.93 5.03
C LEU B 553 -15.89 24.99 3.57
N SER B 554 -15.76 26.17 2.97
CA SER B 554 -16.10 26.35 1.57
C SER B 554 -15.32 25.38 0.67
N GLU B 555 -14.01 25.31 0.89
CA GLU B 555 -13.18 24.39 0.12
C GLU B 555 -13.68 22.96 0.31
N TYR B 556 -13.95 22.60 1.57
CA TYR B 556 -14.39 21.26 1.91
C TYR B 556 -15.69 20.90 1.18
N LEU B 557 -16.65 21.83 1.18
CA LEU B 557 -17.92 21.63 0.51
C LEU B 557 -17.75 21.52 -1.01
N THR B 558 -16.80 22.28 -1.55
CA THR B 558 -16.51 22.21 -2.98
C THR B 558 -15.96 20.84 -3.37
N VAL B 559 -15.03 20.31 -2.58
CA VAL B 559 -14.54 18.95 -2.77
C VAL B 559 -15.68 17.95 -2.87
N VAL B 560 -16.62 18.03 -1.94
CA VAL B 560 -17.76 17.11 -1.94
C VAL B 560 -18.59 17.26 -3.21
N ILE B 561 -19.06 18.47 -3.46
CA ILE B 561 -19.94 18.72 -4.59
C ILE B 561 -19.25 18.44 -5.93
N PHE B 562 -18.03 18.93 -6.07
CA PHE B 562 -17.28 18.76 -7.32
C PHE B 562 -17.04 17.30 -7.63
N THR B 563 -16.66 16.52 -6.61
CA THR B 563 -16.41 15.09 -6.79
C THR B 563 -17.67 14.35 -7.23
N ALA B 564 -18.80 14.71 -6.63
CA ALA B 564 -20.07 14.05 -6.92
C ALA B 564 -20.63 14.42 -8.28
N SER B 565 -20.33 15.63 -8.73
CA SER B 565 -20.91 16.14 -9.97
C SER B 565 -19.89 16.20 -11.13
N ALA B 566 -19.02 17.20 -11.13
CA ALA B 566 -18.10 17.42 -12.23
C ALA B 566 -17.12 16.27 -12.44
N GLN B 567 -16.39 15.90 -11.39
CA GLN B 567 -15.41 14.83 -11.51
C GLN B 567 -16.05 13.53 -12.00
N HIS B 568 -17.16 13.14 -11.40
CA HIS B 568 -17.81 11.91 -11.80
C HIS B 568 -18.28 11.92 -13.25
N ALA B 569 -18.84 13.04 -13.68
CA ALA B 569 -19.33 13.19 -15.04
C ALA B 569 -18.19 13.10 -16.05
N ALA B 570 -17.04 13.67 -15.70
CA ALA B 570 -15.88 13.69 -16.57
C ALA B 570 -15.34 12.29 -16.83
N VAL B 571 -15.40 11.43 -15.83
CA VAL B 571 -14.81 10.09 -15.94
C VAL B 571 -15.85 9.00 -16.23
N ASN B 572 -17.12 9.38 -16.24
CA ASN B 572 -18.17 8.39 -16.46
C ASN B 572 -18.83 8.46 -17.84
N PHE B 573 -19.23 9.65 -18.26
CA PHE B 573 -20.08 9.76 -19.43
C PHE B 573 -19.32 9.75 -20.75
N GLY B 574 -18.02 9.50 -20.67
CA GLY B 574 -17.21 9.35 -21.85
C GLY B 574 -16.82 7.90 -22.10
N GLN B 575 -17.36 7.00 -21.28
CA GLN B 575 -17.00 5.59 -21.35
C GLN B 575 -17.35 4.91 -22.67
N TYR B 576 -18.56 5.16 -23.17
CA TYR B 576 -18.95 4.55 -24.43
C TYR B 576 -18.20 5.17 -25.60
N ASP B 577 -17.98 6.47 -25.54
CA ASP B 577 -17.26 7.18 -26.60
C ASP B 577 -15.88 6.58 -26.84
N TRP B 578 -15.15 6.37 -25.75
CA TRP B 578 -13.75 5.96 -25.85
C TRP B 578 -13.51 4.48 -25.64
N ALA B 579 -14.48 3.79 -25.03
CA ALA B 579 -14.27 2.40 -24.65
C ALA B 579 -15.12 1.40 -25.44
N SER B 580 -15.94 1.89 -26.36
CA SER B 580 -16.82 1.01 -27.13
C SER B 580 -16.06 0.32 -28.27
N TRP B 581 -14.88 0.85 -28.60
CA TRP B 581 -14.00 0.17 -29.52
C TRP B 581 -12.97 -0.63 -28.73
N ILE B 582 -13.16 -1.94 -28.72
CA ILE B 582 -12.38 -2.84 -27.87
C ILE B 582 -10.88 -2.59 -27.89
N PRO B 583 -10.27 -2.57 -29.09
CA PRO B 583 -8.83 -2.38 -29.19
C PRO B 583 -8.37 -1.14 -28.44
N ASN B 584 -9.23 -0.13 -28.34
CA ASN B 584 -8.87 1.10 -27.64
C ASN B 584 -9.09 1.02 -26.13
N ALA B 585 -9.79 -0.01 -25.68
CA ALA B 585 -10.07 -0.18 -24.25
C ALA B 585 -10.46 -1.62 -23.91
N PRO B 586 -9.49 -2.54 -24.06
CA PRO B 586 -9.78 -3.95 -23.80
C PRO B 586 -10.14 -4.19 -22.34
N PRO B 587 -11.33 -4.77 -22.09
CA PRO B 587 -11.72 -5.08 -20.71
C PRO B 587 -10.89 -6.22 -20.15
N THR B 588 -10.29 -7.02 -21.03
CA THR B 588 -9.43 -8.12 -20.60
C THR B 588 -8.36 -8.45 -21.63
N MET B 589 -7.31 -9.14 -21.19
CA MET B 589 -6.26 -9.61 -22.08
C MET B 589 -6.07 -11.11 -21.86
N ARG B 590 -5.94 -11.86 -22.94
CA ARG B 590 -5.96 -13.32 -22.86
C ARG B 590 -4.60 -13.97 -23.12
N ALA B 591 -3.56 -13.14 -23.21
CA ALA B 591 -2.21 -13.64 -23.41
C ALA B 591 -1.20 -12.68 -22.82
N PRO B 592 -0.04 -13.19 -22.38
CA PRO B 592 0.99 -12.36 -21.74
C PRO B 592 1.46 -11.27 -22.68
N PRO B 593 1.99 -10.17 -22.14
CA PRO B 593 2.57 -9.12 -22.97
C PRO B 593 3.72 -9.69 -23.80
N PRO B 594 4.01 -9.07 -24.96
CA PRO B 594 5.15 -9.54 -25.76
C PRO B 594 6.46 -9.26 -25.04
N THR B 595 7.37 -10.22 -25.04
CA THR B 595 8.63 -10.08 -24.32
C THR B 595 9.80 -9.81 -25.28
N ALA B 596 9.53 -9.78 -26.57
CA ALA B 596 10.56 -9.54 -27.57
C ALA B 596 10.03 -8.73 -28.75
N LYS B 597 10.95 -8.15 -29.52
CA LYS B 597 10.58 -7.37 -30.69
C LYS B 597 10.61 -8.20 -31.96
N GLY B 598 9.80 -7.80 -32.94
CA GLY B 598 9.76 -8.47 -34.23
C GLY B 598 9.07 -9.82 -34.18
N VAL B 599 8.45 -10.12 -33.05
CA VAL B 599 7.79 -11.42 -32.85
C VAL B 599 6.27 -11.32 -32.95
N VAL B 600 5.74 -10.10 -32.85
CA VAL B 600 4.29 -9.90 -32.80
C VAL B 600 3.63 -9.94 -34.17
N THR B 601 2.58 -10.75 -34.29
CA THR B 601 1.80 -10.86 -35.52
C THR B 601 0.34 -10.48 -35.27
N ILE B 602 -0.41 -10.30 -36.36
CA ILE B 602 -1.84 -10.05 -36.27
C ILE B 602 -2.50 -11.13 -35.43
N GLU B 603 -2.04 -12.37 -35.59
CA GLU B 603 -2.59 -13.50 -34.86
C GLU B 603 -2.46 -13.35 -33.35
N GLN B 604 -1.28 -12.96 -32.88
CA GLN B 604 -1.05 -12.82 -31.45
C GLN B 604 -1.92 -11.71 -30.85
N ILE B 605 -2.22 -10.70 -31.67
CA ILE B 605 -3.07 -9.60 -31.21
C ILE B 605 -4.52 -10.07 -31.04
N VAL B 606 -4.96 -10.96 -31.93
CA VAL B 606 -6.30 -11.51 -31.86
C VAL B 606 -6.48 -12.42 -30.65
N ASP B 607 -5.47 -13.25 -30.38
CA ASP B 607 -5.50 -14.14 -29.24
C ASP B 607 -5.44 -13.36 -27.93
N THR B 608 -4.83 -12.17 -27.99
CA THR B 608 -4.69 -11.33 -26.80
C THR B 608 -5.98 -10.58 -26.49
N LEU B 609 -6.60 -10.00 -27.51
CA LEU B 609 -7.86 -9.28 -27.33
C LEU B 609 -8.96 -10.22 -26.86
N PRO B 610 -9.93 -9.67 -26.13
CA PRO B 610 -11.06 -10.43 -25.58
C PRO B 610 -11.89 -11.09 -26.67
N ASP B 611 -12.54 -12.21 -26.33
CA ASP B 611 -13.46 -12.87 -27.23
C ASP B 611 -14.77 -12.07 -27.34
N ARG B 612 -15.59 -12.39 -28.33
CA ARG B 612 -16.80 -11.63 -28.60
C ARG B 612 -17.83 -11.68 -27.46
N GLY B 613 -17.91 -12.84 -26.81
CA GLY B 613 -18.81 -12.99 -25.68
C GLY B 613 -18.45 -12.05 -24.55
N ARG B 614 -17.18 -12.06 -24.17
CA ARG B 614 -16.70 -11.18 -23.10
C ARG B 614 -16.78 -9.70 -23.47
N SER B 615 -16.60 -9.40 -24.75
CA SER B 615 -16.72 -8.06 -25.29
C SER B 615 -18.15 -7.52 -25.16
N CYS B 616 -19.13 -8.39 -25.41
CA CYS B 616 -20.53 -7.99 -25.37
C CYS B 616 -20.95 -7.50 -23.99
N TRP B 617 -20.49 -8.18 -22.96
CA TRP B 617 -20.80 -7.77 -21.60
C TRP B 617 -20.22 -6.39 -21.36
N HIS B 618 -19.01 -6.18 -21.87
CA HIS B 618 -18.33 -4.90 -21.72
C HIS B 618 -19.04 -3.81 -22.52
N LEU B 619 -19.34 -4.10 -23.79
CA LEU B 619 -19.99 -3.12 -24.66
C LEU B 619 -21.32 -2.64 -24.07
N GLY B 620 -22.14 -3.58 -23.62
CA GLY B 620 -23.43 -3.24 -23.04
C GLY B 620 -23.30 -2.41 -21.78
N ALA B 621 -22.31 -2.72 -20.96
CA ALA B 621 -22.09 -2.02 -19.71
C ALA B 621 -21.66 -0.56 -19.94
N VAL B 622 -20.72 -0.34 -20.84
CA VAL B 622 -20.24 1.02 -21.11
C VAL B 622 -21.31 1.89 -21.76
N TRP B 623 -22.16 1.28 -22.59
CA TRP B 623 -23.29 2.01 -23.16
C TRP B 623 -24.28 2.40 -22.06
N ALA B 624 -24.71 1.42 -21.27
CA ALA B 624 -25.70 1.66 -20.22
C ALA B 624 -25.25 2.71 -19.21
N LEU B 625 -23.99 2.63 -18.79
CA LEU B 625 -23.46 3.54 -17.78
C LEU B 625 -23.27 4.98 -18.29
N SER B 626 -23.29 5.15 -19.61
CA SER B 626 -23.08 6.46 -20.22
C SER B 626 -24.37 7.19 -20.52
N GLN B 627 -25.50 6.59 -20.16
CA GLN B 627 -26.80 7.18 -20.45
C GLN B 627 -27.27 8.11 -19.35
N PHE B 628 -27.95 9.18 -19.75
CA PHE B 628 -28.61 10.07 -18.80
C PHE B 628 -30.06 9.64 -18.63
N GLN B 629 -30.58 9.77 -17.42
CA GLN B 629 -31.98 9.45 -17.15
C GLN B 629 -32.90 10.44 -17.86
N GLU B 630 -34.12 10.00 -18.17
CA GLU B 630 -35.11 10.86 -18.81
C GLU B 630 -35.20 12.22 -18.13
N ASN B 631 -35.47 12.21 -16.84
CA ASN B 631 -35.51 13.43 -16.05
C ASN B 631 -34.28 13.56 -15.16
N GLU B 632 -33.12 13.72 -15.79
CA GLU B 632 -31.86 13.86 -15.06
C GLU B 632 -31.74 15.25 -14.47
N LEU B 633 -31.29 15.32 -13.21
CA LEU B 633 -31.04 16.61 -12.57
C LEU B 633 -29.59 17.02 -12.76
N PHE B 634 -29.36 18.06 -13.54
CA PHE B 634 -28.02 18.53 -13.81
C PHE B 634 -27.60 19.61 -12.83
N LEU B 635 -26.31 19.91 -12.82
CA LEU B 635 -25.72 20.80 -11.83
C LEU B 635 -26.49 22.11 -11.70
N GLY B 636 -26.83 22.47 -10.47
CA GLY B 636 -27.56 23.70 -10.22
C GLY B 636 -29.07 23.53 -10.21
N MET B 637 -29.55 22.39 -10.69
CA MET B 637 -30.98 22.09 -10.69
C MET B 637 -31.41 21.55 -9.33
N TYR B 638 -32.21 22.32 -8.61
CA TYR B 638 -32.68 21.92 -7.28
C TYR B 638 -34.20 22.00 -7.18
N PRO B 639 -34.91 21.03 -7.77
CA PRO B 639 -36.37 20.97 -7.74
C PRO B 639 -36.90 20.72 -6.33
N GLU B 640 -36.11 20.01 -5.52
CA GLU B 640 -36.47 19.75 -4.14
C GLU B 640 -36.00 20.91 -3.28
N GLU B 641 -36.94 21.75 -2.85
CA GLU B 641 -36.59 22.98 -2.16
C GLU B 641 -36.41 22.78 -0.66
N HIS B 642 -35.22 22.35 -0.25
CA HIS B 642 -34.89 22.25 1.16
C HIS B 642 -34.62 23.66 1.70
N PHE B 643 -33.94 24.47 0.90
CA PHE B 643 -33.79 25.88 1.20
C PHE B 643 -35.05 26.61 0.76
N ILE B 644 -35.59 27.45 1.64
CA ILE B 644 -36.79 28.21 1.31
C ILE B 644 -36.53 29.70 1.47
N GLU B 645 -35.29 30.05 1.80
CA GLU B 645 -34.95 31.43 2.15
C GLU B 645 -34.41 32.24 0.97
N LYS B 646 -34.80 33.51 0.91
CA LYS B 646 -34.45 34.39 -0.19
C LYS B 646 -32.94 34.48 -0.49
N PRO B 647 -32.13 34.79 0.54
CA PRO B 647 -30.69 34.97 0.32
C PRO B 647 -30.05 33.77 -0.38
N VAL B 648 -30.30 32.56 0.12
CA VAL B 648 -29.69 31.37 -0.45
C VAL B 648 -30.24 31.07 -1.84
N LYS B 649 -31.52 31.36 -2.07
CA LYS B 649 -32.12 31.17 -3.39
C LYS B 649 -31.48 32.10 -4.43
N GLU B 650 -31.09 33.30 -4.01
CA GLU B 650 -30.41 34.23 -4.90
C GLU B 650 -29.00 33.74 -5.24
N ALA B 651 -28.32 33.17 -4.25
CA ALA B 651 -27.00 32.58 -4.46
C ALA B 651 -27.10 31.42 -5.45
N MET B 652 -28.19 30.67 -5.38
CA MET B 652 -28.42 29.57 -6.30
C MET B 652 -28.64 30.08 -7.73
N ALA B 653 -29.38 31.18 -7.83
CA ALA B 653 -29.63 31.80 -9.13
C ALA B 653 -28.31 32.20 -9.77
N ARG B 654 -27.44 32.83 -8.99
CA ARG B 654 -26.14 33.27 -9.47
C ARG B 654 -25.28 32.06 -9.88
N PHE B 655 -25.43 30.97 -9.15
CA PHE B 655 -24.72 29.74 -9.45
C PHE B 655 -25.11 29.22 -10.84
N ARG B 656 -26.40 29.21 -11.14
CA ARG B 656 -26.88 28.75 -12.43
C ARG B 656 -26.46 29.69 -13.56
N LYS B 657 -26.42 30.99 -13.27
CA LYS B 657 -26.01 31.98 -14.26
C LYS B 657 -24.55 31.80 -14.64
N ASN B 658 -23.70 31.57 -13.64
CA ASN B 658 -22.29 31.32 -13.87
C ASN B 658 -22.08 30.03 -14.65
N LEU B 659 -22.90 29.03 -14.34
CA LEU B 659 -22.82 27.74 -15.03
C LEU B 659 -23.21 27.89 -16.50
N GLU B 660 -24.23 28.71 -16.76
CA GLU B 660 -24.66 28.97 -18.13
C GLU B 660 -23.57 29.68 -18.92
N ALA B 661 -22.88 30.61 -18.27
CA ALA B 661 -21.77 31.32 -18.90
C ALA B 661 -20.64 30.36 -19.25
N ILE B 662 -20.48 29.34 -18.40
CA ILE B 662 -19.47 28.31 -18.65
C ILE B 662 -19.87 27.44 -19.84
N VAL B 663 -21.17 27.12 -19.91
CA VAL B 663 -21.70 26.39 -21.05
C VAL B 663 -21.36 27.10 -22.36
N SER B 664 -21.50 28.42 -22.38
CA SER B 664 -21.19 29.21 -23.57
C SER B 664 -19.72 29.13 -23.95
N VAL B 665 -18.85 29.37 -22.97
CA VAL B 665 -17.40 29.34 -23.20
C VAL B 665 -16.97 28.03 -23.83
N ILE B 666 -17.50 26.93 -23.32
CA ILE B 666 -17.16 25.60 -23.81
C ILE B 666 -17.70 25.34 -25.22
N ALA B 667 -18.91 25.79 -25.48
CA ALA B 667 -19.53 25.62 -26.79
C ALA B 667 -18.74 26.35 -27.86
N GLU B 668 -18.46 27.63 -27.60
CA GLU B 668 -17.67 28.44 -28.51
C GLU B 668 -16.29 27.80 -28.72
N ARG B 669 -15.76 27.25 -27.62
CA ARG B 669 -14.46 26.59 -27.65
C ARG B 669 -14.52 25.34 -28.54
N ASN B 670 -15.59 24.56 -28.37
CA ASN B 670 -15.74 23.31 -29.10
C ASN B 670 -16.04 23.46 -30.59
N GLU B 671 -16.66 24.58 -30.97
CA GLU B 671 -16.92 24.85 -32.38
C GLU B 671 -15.66 24.71 -33.20
N ASN B 672 -14.54 25.15 -32.62
CA ASN B 672 -13.28 25.24 -33.35
C ASN B 672 -12.34 24.05 -33.16
N LEU B 673 -12.82 22.99 -32.52
CA LEU B 673 -11.99 21.81 -32.29
C LEU B 673 -12.33 20.66 -33.23
N GLN B 674 -11.33 19.83 -33.53
CA GLN B 674 -11.54 18.64 -34.35
C GLN B 674 -12.37 17.61 -33.60
N LEU B 675 -12.15 17.54 -32.29
CA LEU B 675 -12.91 16.64 -31.43
C LEU B 675 -13.36 17.37 -30.17
N PRO B 676 -14.63 17.81 -30.14
CA PRO B 676 -15.13 18.59 -29.01
C PRO B 676 -15.04 17.82 -27.71
N TYR B 677 -14.70 18.53 -26.63
CA TYR B 677 -14.73 17.96 -25.30
C TYR B 677 -15.91 18.58 -24.55
N TYR B 678 -16.96 17.79 -24.34
CA TYR B 678 -18.21 18.31 -23.78
C TYR B 678 -18.61 17.66 -22.45
N TYR B 679 -17.76 16.79 -21.92
CA TYR B 679 -18.08 16.06 -20.69
C TYR B 679 -18.31 16.98 -19.51
N LEU B 680 -17.59 18.10 -19.47
CA LEU B 680 -17.69 19.04 -18.35
C LEU B 680 -18.53 20.26 -18.68
N ASP B 681 -19.29 20.19 -19.78
CA ASP B 681 -20.35 21.14 -20.04
C ASP B 681 -21.40 20.99 -18.94
N PRO B 682 -21.58 22.02 -18.10
CA PRO B 682 -22.49 21.98 -16.94
C PRO B 682 -23.89 21.48 -17.26
N ASP B 683 -24.33 21.64 -18.51
CA ASP B 683 -25.62 21.11 -18.95
C ASP B 683 -25.63 19.58 -19.01
N ARG B 684 -24.43 19.00 -18.93
CA ARG B 684 -24.28 17.55 -19.03
C ARG B 684 -23.69 16.96 -17.76
N ILE B 685 -23.64 17.76 -16.71
CA ILE B 685 -23.14 17.32 -15.42
C ILE B 685 -24.28 17.10 -14.43
N PRO B 686 -24.54 15.85 -14.06
CA PRO B 686 -25.54 15.54 -13.04
C PRO B 686 -25.13 16.11 -11.68
N ASN B 687 -26.11 16.38 -10.81
CA ASN B 687 -25.84 16.87 -9.45
C ASN B 687 -25.05 15.87 -8.61
N SER B 688 -25.29 14.59 -8.83
CA SER B 688 -24.70 13.56 -7.99
C SER B 688 -24.31 12.32 -8.77
N VAL B 689 -23.60 11.42 -8.10
CA VAL B 689 -23.28 10.11 -8.65
C VAL B 689 -24.50 9.22 -8.51
N ALA B 690 -25.25 9.08 -9.60
CA ALA B 690 -26.50 8.32 -9.56
C ALA B 690 -26.43 7.13 -10.52
N ILE B 691 -25.29 6.95 -11.17
CA ILE B 691 -25.10 5.86 -12.11
C ILE B 691 -23.64 5.48 -12.25
#